data_2J7F
#
_entry.id   2J7F
#
_cell.length_a   94.137
_cell.length_b   94.200
_cell.length_c   112.969
_cell.angle_alpha   90.00
_cell.angle_beta   90.00
_cell.angle_gamma   90.00
#
_symmetry.space_group_name_H-M   'P 21 21 21'
#
loop_
_entity.id
_entity.type
_entity.pdbx_description
1 polymer 'BETA-GLUCOSIDASE A'
2 non-polymer 'CARBOXYLATE-SUBSTITUTED GLUCOIMIDAZOLE'
3 non-polymer 'ACETATE ION'
4 non-polymer 'CALCIUM ION'
5 water water
#
_entity_poly.entity_id   1
_entity_poly.type   'polypeptide(L)'
_entity_poly.pdbx_seq_one_letter_code
;MGSSHHHHHHSSGLVPRGSHMASNVKKFPEGFLWGVATASYQIEGSPLADGAGMSIWHTFSHTPGNVKNGDTGDVACDHY
NRWKEDIEIIEKLGVKAYRFSISWPRILPEGTGRVNQKGLDFYNRIIDTLLEKGITPFVTIYHWDLPFALQLKGGWANRE
IADWFAEYSRVLFENFGDRVKNWITLNEPWVVAIVGHLYGVHAPGMRDIYVAFRAVHNLLRAHARAVKVFRETVKDGKIG
IVFNNGYFEPASEKEEDIRAVRFMHQFNNYPLFLNPIYRGDYPELVLEFAREYLPENYKDDMSEIQEKIDFVGLNYYSGH
LVKFDPDAPAKVSFVERDLPKTAMGWEIVPEGIYWILKKVKEEYNPPEVYITENGAAFDDVVSEDGRVHDQNRIDYLKAH
IGQAWKAIQEGVPLKGYFVWSLLDNFEWAEGYSKRFGIVYVDYSTQKRIVKDSGYWYSNVVKNNGLED
;
_entity_poly.pdbx_strand_id   A,B
#
loop_
_chem_comp.id
_chem_comp.type
_chem_comp.name
_chem_comp.formula
ACT non-polymer 'ACETATE ION' 'C2 H3 O2 -1'
CA non-polymer 'CALCIUM ION' 'Ca 2'
GI3 non-polymer 'CARBOXYLATE-SUBSTITUTED GLUCOIMIDAZOLE' 'C9 H13 N2 O6 1'
#
# COMPACT_ATOMS: atom_id res chain seq x y z
N VAL A 25 -26.91 -7.28 31.37
CA VAL A 25 -27.14 -8.08 30.14
C VAL A 25 -27.99 -7.30 29.10
N LYS A 26 -27.58 -7.37 27.83
CA LYS A 26 -28.37 -6.81 26.72
C LYS A 26 -29.09 -7.93 25.97
N LYS A 27 -30.35 -8.16 26.31
CA LYS A 27 -31.14 -9.21 25.68
C LYS A 27 -32.01 -8.66 24.53
N PHE A 28 -32.15 -9.45 23.47
CA PHE A 28 -32.93 -9.04 22.28
C PHE A 28 -34.41 -9.53 22.34
N PRO A 29 -35.30 -8.97 21.47
CA PRO A 29 -36.68 -9.44 21.47
C PRO A 29 -36.78 -10.94 21.26
N GLU A 30 -37.88 -11.54 21.73
CA GLU A 30 -38.20 -12.94 21.44
C GLU A 30 -38.37 -13.15 19.93
N GLY A 31 -37.72 -14.20 19.41
CA GLY A 31 -37.78 -14.54 17.99
C GLY A 31 -36.95 -13.64 17.07
N PHE A 32 -36.00 -12.89 17.64
CA PHE A 32 -35.02 -12.10 16.89
C PHE A 32 -34.14 -13.04 16.06
N LEU A 33 -33.89 -12.67 14.80
CA LEU A 33 -33.15 -13.54 13.86
C LEU A 33 -31.66 -13.29 13.93
N TRP A 34 -30.92 -14.21 14.54
CA TRP A 34 -29.46 -14.24 14.45
C TRP A 34 -29.02 -15.03 13.20
N GLY A 35 -28.28 -14.37 12.32
CA GLY A 35 -27.85 -15.01 11.09
C GLY A 35 -26.41 -14.81 10.70
N VAL A 36 -26.00 -15.56 9.68
CA VAL A 36 -24.77 -15.31 8.93
C VAL A 36 -25.12 -15.14 7.44
N ALA A 37 -24.21 -14.49 6.70
CA ALA A 37 -24.43 -14.08 5.33
C ALA A 37 -23.24 -14.45 4.43
N THR A 38 -23.56 -14.97 3.24
CA THR A 38 -22.60 -15.20 2.16
C THR A 38 -23.17 -14.64 0.83
N ALA A 39 -22.41 -14.80 -0.27
CA ALA A 39 -22.87 -14.52 -1.66
C ALA A 39 -22.29 -15.59 -2.56
N SER A 40 -23.02 -15.93 -3.62
CA SER A 40 -22.71 -17.06 -4.50
C SER A 40 -21.29 -17.04 -5.10
N TYR A 41 -20.90 -15.92 -5.71
CA TYR A 41 -19.61 -15.86 -6.40
C TYR A 41 -18.43 -15.86 -5.42
N GLN A 42 -18.71 -15.42 -4.20
CA GLN A 42 -17.71 -15.30 -3.17
C GLN A 42 -17.29 -16.61 -2.54
N ILE A 43 -18.19 -17.59 -2.50
CA ILE A 43 -17.94 -18.87 -1.82
C ILE A 43 -17.99 -20.14 -2.69
N GLU A 44 -18.81 -20.13 -3.75
CA GLU A 44 -19.14 -21.38 -4.46
C GLU A 44 -17.98 -22.04 -5.23
N GLY A 45 -17.22 -21.26 -6.01
CA GLY A 45 -16.35 -21.88 -6.99
C GLY A 45 -17.19 -22.60 -8.05
N SER A 46 -16.55 -23.36 -8.93
CA SER A 46 -17.22 -24.08 -9.99
C SER A 46 -18.22 -23.20 -10.76
N PRO A 47 -17.76 -22.03 -11.27
CA PRO A 47 -18.71 -21.12 -11.92
C PRO A 47 -19.29 -21.68 -13.22
N LEU A 48 -18.68 -22.69 -13.81
CA LEU A 48 -19.17 -23.20 -15.10
C LEU A 48 -19.64 -24.66 -14.99
N ALA A 49 -19.70 -25.19 -13.77
CA ALA A 49 -20.21 -26.55 -13.52
C ALA A 49 -21.68 -26.67 -13.87
N ASP A 50 -22.06 -27.86 -14.34
CA ASP A 50 -23.44 -28.22 -14.61
C ASP A 50 -24.23 -27.24 -15.47
N GLY A 51 -23.60 -26.73 -16.52
CA GLY A 51 -24.31 -25.94 -17.51
C GLY A 51 -24.52 -24.47 -17.19
N ALA A 52 -23.96 -24.01 -16.07
CA ALA A 52 -24.00 -22.59 -15.71
C ALA A 52 -23.43 -21.70 -16.84
N GLY A 53 -24.11 -20.59 -17.12
CA GLY A 53 -23.55 -19.58 -18.02
C GLY A 53 -22.47 -18.82 -17.30
N MET A 54 -21.55 -18.20 -18.02
CA MET A 54 -20.60 -17.25 -17.41
C MET A 54 -21.34 -16.05 -16.79
N SER A 55 -20.76 -15.47 -15.74
CA SER A 55 -21.25 -14.24 -15.16
C SER A 55 -20.23 -13.17 -15.48
N ILE A 56 -20.59 -11.91 -15.22
CA ILE A 56 -19.66 -10.77 -15.35
C ILE A 56 -18.51 -10.78 -14.35
N TRP A 57 -18.68 -11.42 -13.19
CA TRP A 57 -17.57 -11.56 -12.25
C TRP A 57 -16.55 -12.61 -12.71
N HIS A 58 -17.00 -13.61 -13.46
CA HIS A 58 -16.11 -14.56 -14.12
C HIS A 58 -15.21 -13.85 -15.17
N THR A 59 -15.85 -13.13 -16.09
CA THR A 59 -15.11 -12.47 -17.16
C THR A 59 -14.24 -11.31 -16.64
N PHE A 60 -14.74 -10.58 -15.63
CA PHE A 60 -14.03 -9.49 -14.98
C PHE A 60 -12.80 -9.97 -14.20
N SER A 61 -12.99 -11.00 -13.39
CA SER A 61 -11.86 -11.52 -12.62
C SER A 61 -10.86 -12.29 -13.52
N HIS A 62 -11.29 -12.75 -14.68
CA HIS A 62 -10.34 -13.38 -15.63
C HIS A 62 -9.64 -12.39 -16.56
N THR A 63 -9.95 -11.11 -16.35
CA THR A 63 -9.30 -10.03 -17.08
C THR A 63 -8.14 -9.55 -16.22
N PRO A 64 -6.89 -9.57 -16.75
CA PRO A 64 -5.72 -9.16 -15.92
C PRO A 64 -5.80 -7.72 -15.44
N GLY A 65 -5.46 -7.50 -14.19
CA GLY A 65 -5.38 -6.14 -13.65
C GLY A 65 -6.57 -5.75 -12.80
N ASN A 66 -7.65 -6.52 -12.86
CA ASN A 66 -8.94 -6.18 -12.25
C ASN A 66 -9.07 -6.60 -10.77
N VAL A 67 -8.45 -7.73 -10.45
CA VAL A 67 -8.50 -8.30 -9.09
C VAL A 67 -7.10 -8.56 -8.53
N LYS A 68 -6.93 -8.24 -7.25
CA LYS A 68 -5.67 -8.44 -6.55
C LYS A 68 -5.14 -9.86 -6.72
N ASN A 69 -3.84 -9.94 -7.08
CA ASN A 69 -3.08 -11.18 -7.29
C ASN A 69 -3.62 -12.09 -8.39
N GLY A 70 -4.42 -11.54 -9.28
CA GLY A 70 -5.04 -12.38 -10.31
C GLY A 70 -6.06 -13.37 -9.77
N ASP A 71 -6.55 -13.13 -8.55
CA ASP A 71 -7.52 -14.02 -7.91
C ASP A 71 -8.84 -14.07 -8.67
N THR A 72 -9.47 -15.22 -8.69
CA THR A 72 -10.80 -15.34 -9.28
C THR A 72 -11.70 -16.19 -8.39
N GLY A 73 -12.95 -16.33 -8.78
CA GLY A 73 -13.90 -17.18 -8.10
C GLY A 73 -13.99 -18.59 -8.63
N ASP A 74 -12.96 -19.05 -9.33
CA ASP A 74 -12.99 -20.40 -9.91
C ASP A 74 -13.15 -21.49 -8.85
N VAL A 75 -12.44 -21.32 -7.73
CA VAL A 75 -12.50 -22.32 -6.63
C VAL A 75 -13.15 -21.73 -5.39
N ALA A 76 -12.71 -20.55 -4.98
CA ALA A 76 -13.20 -19.86 -3.80
C ALA A 76 -13.17 -20.81 -2.59
N CYS A 77 -14.28 -20.89 -1.85
CA CYS A 77 -14.45 -21.84 -0.73
C CYS A 77 -14.85 -23.24 -1.14
N ASP A 78 -14.91 -23.51 -2.44
CA ASP A 78 -15.49 -24.75 -2.95
C ASP A 78 -16.86 -25.11 -2.31
N HIS A 79 -17.68 -24.12 -1.98
CA HIS A 79 -18.99 -24.35 -1.32
C HIS A 79 -19.91 -25.10 -2.27
N TYR A 80 -19.56 -25.06 -3.56
CA TYR A 80 -20.38 -25.75 -4.55
C TYR A 80 -20.39 -27.25 -4.31
N ASN A 81 -19.30 -27.78 -3.77
CA ASN A 81 -19.19 -29.21 -3.31
C ASN A 81 -19.30 -29.38 -1.79
N ARG A 82 -18.94 -28.34 -1.04
CA ARG A 82 -18.89 -28.39 0.43
C ARG A 82 -20.09 -27.80 1.19
N TRP A 83 -21.15 -27.49 0.45
CA TRP A 83 -22.35 -26.88 1.00
C TRP A 83 -22.90 -27.56 2.28
N LYS A 84 -22.95 -28.89 2.31
CA LYS A 84 -23.49 -29.62 3.48
C LYS A 84 -22.65 -29.39 4.74
N GLU A 85 -21.35 -29.58 4.63
CA GLU A 85 -20.40 -29.23 5.70
C GLU A 85 -20.62 -27.84 6.29
N ASP A 86 -20.70 -26.82 5.43
CA ASP A 86 -20.93 -25.39 5.82
C ASP A 86 -22.25 -25.15 6.52
N ILE A 87 -23.31 -25.79 6.03
CA ILE A 87 -24.61 -25.75 6.68
C ILE A 87 -24.56 -26.45 8.07
N GLU A 88 -24.01 -27.66 8.11
CA GLU A 88 -23.72 -28.35 9.39
C GLU A 88 -22.96 -27.46 10.35
N ILE A 89 -22.04 -26.62 9.84
CA ILE A 89 -21.33 -25.62 10.69
C ILE A 89 -22.28 -24.55 11.25
N ILE A 90 -23.20 -24.07 10.40
CA ILE A 90 -24.24 -23.09 10.80
C ILE A 90 -25.10 -23.67 11.90
N GLU A 91 -25.67 -24.86 11.66
CA GLU A 91 -26.44 -25.64 12.63
C GLU A 91 -25.67 -25.82 13.95
N LYS A 92 -24.47 -26.39 13.86
CA LYS A 92 -23.63 -26.62 15.03
C LYS A 92 -23.39 -25.33 15.85
N LEU A 93 -23.37 -24.18 15.19
CA LEU A 93 -23.21 -22.91 15.88
C LEU A 93 -24.52 -22.36 16.46
N GLY A 94 -25.63 -23.02 16.11
CA GLY A 94 -26.95 -22.59 16.61
C GLY A 94 -27.49 -21.30 15.97
N VAL A 95 -26.81 -20.86 14.91
CA VAL A 95 -27.24 -19.71 14.12
C VAL A 95 -28.58 -20.05 13.45
N LYS A 96 -29.50 -19.10 13.52
CA LYS A 96 -30.89 -19.32 13.20
C LYS A 96 -31.32 -18.93 11.79
N ALA A 97 -30.52 -18.10 11.11
CA ALA A 97 -30.88 -17.65 9.77
C ALA A 97 -29.65 -17.69 8.89
N TYR A 98 -29.83 -18.06 7.62
CA TYR A 98 -28.75 -18.04 6.66
C TYR A 98 -29.15 -17.23 5.44
N ARG A 99 -28.40 -16.15 5.23
CA ARG A 99 -28.55 -15.31 4.06
C ARG A 99 -27.53 -15.74 3.00
N PHE A 100 -28.04 -16.16 1.85
CA PHE A 100 -27.21 -16.60 0.74
C PHE A 100 -27.83 -16.06 -0.53
N SER A 101 -27.02 -16.01 -1.59
CA SER A 101 -27.53 -15.56 -2.88
C SER A 101 -27.51 -16.66 -3.89
N ILE A 102 -28.38 -16.51 -4.87
CA ILE A 102 -28.46 -17.39 -6.01
C ILE A 102 -27.76 -16.75 -7.21
N SER A 103 -26.95 -17.58 -7.89
CA SER A 103 -26.27 -17.21 -9.09
C SER A 103 -27.23 -17.27 -10.27
N TRP A 104 -27.64 -16.10 -10.76
CA TRP A 104 -28.53 -15.98 -11.90
C TRP A 104 -28.14 -16.85 -13.11
N PRO A 105 -26.87 -16.81 -13.56
CA PRO A 105 -26.46 -17.71 -14.66
C PRO A 105 -26.44 -19.23 -14.40
N ARG A 106 -26.48 -19.69 -13.13
CA ARG A 106 -26.71 -21.13 -12.88
C ARG A 106 -28.14 -21.50 -13.25
N ILE A 107 -29.04 -20.54 -13.03
CA ILE A 107 -30.46 -20.77 -13.18
C ILE A 107 -30.85 -20.57 -14.63
N LEU A 108 -30.43 -19.45 -15.22
CA LEU A 108 -30.74 -19.15 -16.61
C LEU A 108 -29.41 -18.81 -17.23
N PRO A 109 -28.75 -19.81 -17.84
CA PRO A 109 -27.42 -19.60 -18.42
C PRO A 109 -27.24 -18.41 -19.39
N GLU A 110 -28.26 -18.14 -20.22
CA GLU A 110 -28.23 -16.94 -21.10
C GLU A 110 -28.96 -15.75 -20.47
N GLY A 111 -29.30 -15.83 -19.20
CA GLY A 111 -29.98 -14.72 -18.51
C GLY A 111 -31.50 -14.73 -18.63
N THR A 112 -32.00 -14.93 -19.86
CA THR A 112 -33.44 -15.16 -20.10
C THR A 112 -33.63 -16.46 -20.88
N GLY A 113 -34.87 -16.95 -20.92
CA GLY A 113 -35.20 -18.13 -21.72
C GLY A 113 -34.94 -19.43 -20.96
N ARG A 114 -33.94 -20.19 -21.40
CA ARG A 114 -33.75 -21.54 -20.88
C ARG A 114 -33.46 -21.57 -19.38
N VAL A 115 -34.11 -22.49 -18.68
CA VAL A 115 -33.86 -22.75 -17.26
C VAL A 115 -33.07 -24.05 -17.08
N ASN A 116 -32.01 -23.98 -16.28
CA ASN A 116 -31.09 -25.09 -16.06
C ASN A 116 -31.49 -25.83 -14.78
N GLN A 117 -32.08 -27.02 -14.93
CA GLN A 117 -32.53 -27.82 -13.77
C GLN A 117 -31.42 -28.11 -12.74
N LYS A 118 -30.18 -28.33 -13.20
CA LYS A 118 -29.07 -28.57 -12.25
C LYS A 118 -28.72 -27.39 -11.32
N GLY A 119 -28.89 -26.16 -11.83
CA GLY A 119 -28.75 -24.96 -11.03
C GLY A 119 -29.82 -24.86 -9.96
N LEU A 120 -31.07 -25.13 -10.34
CA LEU A 120 -32.19 -25.23 -9.40
C LEU A 120 -31.97 -26.34 -8.35
N ASP A 121 -31.51 -27.52 -8.81
CA ASP A 121 -31.17 -28.64 -7.94
C ASP A 121 -30.17 -28.22 -6.84
N PHE A 122 -29.09 -27.56 -7.23
CA PHE A 122 -28.09 -27.04 -6.29
C PHE A 122 -28.69 -26.23 -5.10
N TYR A 123 -29.49 -25.22 -5.40
CA TYR A 123 -30.16 -24.42 -4.35
C TYR A 123 -31.33 -25.14 -3.65
N ASN A 124 -32.07 -25.96 -4.38
CA ASN A 124 -33.04 -26.85 -3.72
C ASN A 124 -32.46 -27.72 -2.58
N ARG A 125 -31.31 -28.37 -2.81
CA ARG A 125 -30.64 -29.12 -1.76
C ARG A 125 -30.20 -28.24 -0.58
N ILE A 126 -29.64 -27.06 -0.87
CA ILE A 126 -29.32 -26.12 0.19
C ILE A 126 -30.56 -25.71 1.01
N ILE A 127 -31.61 -25.31 0.32
CA ILE A 127 -32.87 -24.87 0.93
C ILE A 127 -33.52 -25.93 1.82
N ASP A 128 -33.64 -27.16 1.31
CA ASP A 128 -34.27 -28.25 2.06
C ASP A 128 -33.46 -28.64 3.30
N THR A 129 -32.14 -28.62 3.16
CA THR A 129 -31.24 -28.94 4.26
C THR A 129 -31.41 -27.94 5.39
N LEU A 130 -31.37 -26.65 5.05
CA LEU A 130 -31.62 -25.57 6.02
C LEU A 130 -32.95 -25.77 6.77
N LEU A 131 -34.02 -26.04 6.02
CA LEU A 131 -35.34 -26.24 6.62
C LEU A 131 -35.40 -27.45 7.56
N GLU A 132 -34.79 -28.58 7.14
CA GLU A 132 -34.61 -29.76 7.99
C GLU A 132 -33.92 -29.45 9.34
N LYS A 133 -32.87 -28.63 9.28
CA LYS A 133 -32.09 -28.23 10.44
C LYS A 133 -32.64 -26.99 11.12
N GLY A 134 -33.87 -26.59 10.77
CA GLY A 134 -34.50 -25.43 11.38
C GLY A 134 -33.79 -24.09 11.23
N ILE A 135 -32.98 -23.92 10.18
CA ILE A 135 -32.40 -22.61 9.83
C ILE A 135 -33.30 -21.89 8.80
N THR A 136 -33.60 -20.61 9.06
CA THR A 136 -34.45 -19.80 8.17
C THR A 136 -33.66 -19.21 6.99
N PRO A 137 -34.04 -19.57 5.73
CA PRO A 137 -33.29 -19.02 4.59
C PRO A 137 -33.72 -17.60 4.21
N PHE A 138 -32.73 -16.72 4.04
CA PHE A 138 -32.92 -15.42 3.42
C PHE A 138 -32.19 -15.37 2.08
N VAL A 139 -32.94 -15.34 0.99
CA VAL A 139 -32.36 -15.45 -0.34
C VAL A 139 -32.22 -14.07 -1.01
N THR A 140 -30.97 -13.72 -1.33
CA THR A 140 -30.65 -12.56 -2.15
C THR A 140 -30.71 -12.96 -3.61
N ILE A 141 -31.66 -12.41 -4.34
CA ILE A 141 -31.87 -12.80 -5.75
C ILE A 141 -30.64 -12.41 -6.61
N TYR A 142 -30.14 -11.20 -6.35
CA TYR A 142 -29.02 -10.62 -7.10
C TYR A 142 -27.93 -10.11 -6.19
N HIS A 143 -26.81 -10.82 -6.20
CA HIS A 143 -25.66 -10.31 -5.48
C HIS A 143 -24.48 -10.25 -6.45
N TRP A 144 -24.69 -9.52 -7.57
CA TRP A 144 -23.60 -8.95 -8.43
C TRP A 144 -23.11 -9.86 -9.58
N ASP A 145 -23.46 -11.14 -9.54
CA ASP A 145 -23.04 -12.07 -10.63
C ASP A 145 -24.06 -12.13 -11.80
N LEU A 146 -24.22 -11.00 -12.50
CA LEU A 146 -25.10 -10.89 -13.66
C LEU A 146 -24.64 -11.89 -14.71
N PRO A 147 -25.57 -12.58 -15.39
CA PRO A 147 -25.15 -13.37 -16.54
C PRO A 147 -24.39 -12.52 -17.56
N PHE A 148 -23.22 -12.99 -17.98
CA PHE A 148 -22.47 -12.34 -19.04
C PHE A 148 -23.31 -12.10 -20.32
N ALA A 149 -24.18 -13.03 -20.65
CA ALA A 149 -25.02 -12.95 -21.86
C ALA A 149 -25.84 -11.65 -21.84
N LEU A 150 -26.31 -11.24 -20.67
CA LEU A 150 -27.08 -10.02 -20.55
C LEU A 150 -26.20 -8.75 -20.53
N GLN A 151 -25.00 -8.84 -19.97
CA GLN A 151 -24.04 -7.77 -20.09
C GLN A 151 -23.74 -7.41 -21.55
N LEU A 152 -23.69 -8.41 -22.43
CA LEU A 152 -23.50 -8.18 -23.88
C LEU A 152 -24.64 -7.35 -24.48
N LYS A 153 -25.81 -7.42 -23.83
CA LYS A 153 -27.00 -6.68 -24.21
CA LYS A 153 -26.98 -6.66 -24.23
C LYS A 153 -27.12 -5.38 -23.40
N GLY A 154 -26.04 -5.00 -22.76
CA GLY A 154 -25.99 -3.77 -21.94
C GLY A 154 -26.15 -3.91 -20.43
N GLY A 155 -26.61 -5.06 -19.94
CA GLY A 155 -26.65 -5.28 -18.48
C GLY A 155 -27.56 -4.23 -17.83
N TRP A 156 -27.12 -3.66 -16.70
CA TRP A 156 -27.97 -2.72 -15.95
C TRP A 156 -28.23 -1.40 -16.69
N ALA A 157 -27.48 -1.13 -17.75
CA ALA A 157 -27.65 0.07 -18.57
C ALA A 157 -28.90 0.00 -19.47
N ASN A 158 -29.41 -1.21 -19.68
CA ASN A 158 -30.52 -1.48 -20.59
C ASN A 158 -31.87 -1.58 -19.83
N ARG A 159 -32.80 -0.70 -20.15
CA ARG A 159 -34.17 -0.70 -19.62
C ARG A 159 -34.85 -2.06 -19.62
N GLU A 160 -34.52 -2.89 -20.61
CA GLU A 160 -35.04 -4.24 -20.69
C GLU A 160 -34.60 -5.16 -19.53
N ILE A 161 -33.57 -4.77 -18.77
CA ILE A 161 -33.22 -5.51 -17.58
C ILE A 161 -34.40 -5.65 -16.58
N ALA A 162 -35.33 -4.68 -16.55
CA ALA A 162 -36.54 -4.76 -15.70
C ALA A 162 -37.33 -6.01 -16.01
N ASP A 163 -37.46 -6.31 -17.30
CA ASP A 163 -38.12 -7.56 -17.74
C ASP A 163 -37.29 -8.80 -17.49
N TRP A 164 -36.00 -8.75 -17.81
CA TRP A 164 -35.11 -9.90 -17.60
C TRP A 164 -35.04 -10.28 -16.12
N PHE A 165 -34.93 -9.27 -15.25
CA PHE A 165 -34.91 -9.49 -13.81
C PHE A 165 -36.24 -10.06 -13.31
N ALA A 166 -37.35 -9.54 -13.87
CA ALA A 166 -38.67 -9.99 -13.46
C ALA A 166 -38.87 -11.47 -13.78
N GLU A 167 -38.45 -11.89 -14.97
CA GLU A 167 -38.53 -13.30 -15.40
C GLU A 167 -37.62 -14.26 -14.57
N TYR A 168 -36.39 -13.84 -14.30
CA TYR A 168 -35.49 -14.52 -13.37
C TYR A 168 -36.13 -14.71 -11.99
N SER A 169 -36.56 -13.60 -11.39
CA SER A 169 -37.31 -13.61 -10.13
C SER A 169 -38.50 -14.57 -10.16
N ARG A 170 -39.36 -14.48 -11.19
CA ARG A 170 -40.50 -15.39 -11.37
CA ARG A 170 -40.49 -15.39 -11.33
C ARG A 170 -40.06 -16.84 -11.29
N VAL A 171 -38.95 -17.18 -11.95
CA VAL A 171 -38.45 -18.55 -11.88
C VAL A 171 -38.15 -18.96 -10.43
N LEU A 172 -37.46 -18.09 -9.70
CA LEU A 172 -37.09 -18.38 -8.31
C LEU A 172 -38.33 -18.55 -7.42
N PHE A 173 -39.29 -17.63 -7.57
CA PHE A 173 -40.51 -17.65 -6.79
C PHE A 173 -41.27 -18.95 -7.02
N GLU A 174 -41.40 -19.36 -8.29
CA GLU A 174 -42.15 -20.56 -8.67
CA GLU A 174 -42.13 -20.57 -8.67
C GLU A 174 -41.50 -21.82 -8.11
N ASN A 175 -40.17 -21.87 -8.16
CA ASN A 175 -39.43 -23.04 -7.76
C ASN A 175 -39.17 -23.13 -6.26
N PHE A 176 -38.93 -21.99 -5.61
CA PHE A 176 -38.48 -21.99 -4.22
C PHE A 176 -39.43 -21.33 -3.24
N GLY A 177 -40.47 -20.64 -3.75
CA GLY A 177 -41.34 -19.79 -2.92
C GLY A 177 -42.28 -20.58 -2.03
N ASP A 178 -42.41 -21.87 -2.29
CA ASP A 178 -43.12 -22.77 -1.41
C ASP A 178 -42.36 -22.98 -0.11
N ARG A 179 -41.06 -22.78 -0.14
CA ARG A 179 -40.22 -23.00 1.03
C ARG A 179 -39.49 -21.74 1.52
N VAL A 180 -38.93 -20.95 0.61
CA VAL A 180 -38.28 -19.70 1.01
C VAL A 180 -39.37 -18.63 1.11
N LYS A 181 -39.40 -17.94 2.24
CA LYS A 181 -40.45 -16.94 2.49
C LYS A 181 -39.85 -15.54 2.75
N ASN A 182 -38.52 -15.46 2.78
CA ASN A 182 -37.81 -14.20 2.96
C ASN A 182 -36.83 -13.96 1.82
N TRP A 183 -37.12 -12.91 1.06
CA TRP A 183 -36.47 -12.64 -0.21
C TRP A 183 -35.90 -11.22 -0.22
N ILE A 184 -34.73 -11.07 -0.83
CA ILE A 184 -34.08 -9.78 -1.05
C ILE A 184 -33.85 -9.62 -2.57
N THR A 185 -34.45 -8.59 -3.19
CA THR A 185 -34.27 -8.37 -4.65
C THR A 185 -32.79 -8.13 -5.00
N LEU A 186 -32.23 -7.04 -4.47
CA LEU A 186 -30.88 -6.57 -4.82
C LEU A 186 -30.00 -6.38 -3.60
N ASN A 187 -28.74 -6.81 -3.69
CA ASN A 187 -27.71 -6.46 -2.73
C ASN A 187 -26.93 -5.25 -3.18
N GLU A 188 -27.00 -4.17 -2.40
CA GLU A 188 -26.21 -2.94 -2.60
C GLU A 188 -26.23 -2.37 -4.04
N PRO A 189 -27.43 -1.98 -4.52
CA PRO A 189 -27.51 -1.43 -5.87
C PRO A 189 -26.63 -0.17 -6.10
N TRP A 190 -26.32 0.61 -5.04
CA TRP A 190 -25.40 1.72 -5.18
C TRP A 190 -24.03 1.22 -5.66
N VAL A 191 -23.51 0.17 -5.05
CA VAL A 191 -22.25 -0.43 -5.45
C VAL A 191 -22.27 -0.99 -6.89
N VAL A 192 -23.31 -1.76 -7.21
CA VAL A 192 -23.57 -2.30 -8.52
C VAL A 192 -23.46 -1.19 -9.57
N ALA A 193 -24.26 -0.13 -9.42
CA ALA A 193 -24.25 1.02 -10.33
C ALA A 193 -22.95 1.84 -10.27
N ILE A 194 -22.58 2.34 -9.09
CA ILE A 194 -21.46 3.27 -9.02
C ILE A 194 -20.09 2.62 -9.08
N VAL A 195 -19.86 1.58 -8.28
CA VAL A 195 -18.56 0.92 -8.26
C VAL A 195 -18.38 0.08 -9.52
N GLY A 196 -19.47 -0.51 -10.02
CA GLY A 196 -19.43 -1.29 -11.27
C GLY A 196 -19.31 -0.43 -12.53
N HIS A 197 -19.98 0.73 -12.57
CA HIS A 197 -20.18 1.49 -13.84
C HIS A 197 -19.59 2.93 -13.90
N LEU A 198 -19.11 3.44 -12.76
CA LEU A 198 -18.47 4.74 -12.68
C LEU A 198 -17.01 4.63 -12.21
N TYR A 199 -16.78 3.89 -11.11
CA TYR A 199 -15.42 3.69 -10.61
C TYR A 199 -14.73 2.62 -11.42
N GLY A 200 -15.53 1.66 -11.89
CA GLY A 200 -15.00 0.55 -12.71
C GLY A 200 -14.13 -0.43 -11.94
N VAL A 201 -14.30 -0.45 -10.62
CA VAL A 201 -13.53 -1.29 -9.72
C VAL A 201 -14.15 -2.69 -9.60
N HIS A 202 -15.45 -2.75 -9.87
CA HIS A 202 -16.19 -4.01 -9.89
C HIS A 202 -16.67 -4.25 -11.31
N ALA A 203 -16.99 -5.51 -11.61
CA ALA A 203 -17.69 -5.87 -12.84
C ALA A 203 -18.95 -5.00 -13.03
N PRO A 204 -19.29 -4.63 -14.29
CA PRO A 204 -18.58 -4.98 -15.54
C PRO A 204 -17.36 -4.06 -15.84
N GLY A 205 -16.94 -3.26 -14.87
CA GLY A 205 -15.70 -2.52 -15.00
C GLY A 205 -15.74 -1.30 -15.89
N MET A 206 -16.83 -0.55 -15.82
CA MET A 206 -17.03 0.62 -16.68
C MET A 206 -16.79 1.93 -15.90
N ARG A 207 -16.49 3.01 -16.62
N ARG A 207 -16.50 2.98 -16.67
CA ARG A 207 -16.26 4.33 -16.02
CA ARG A 207 -16.18 4.34 -16.18
C ARG A 207 -17.02 5.40 -16.82
C ARG A 207 -17.05 5.32 -16.99
N ASP A 208 -18.34 5.36 -16.68
CA ASP A 208 -19.25 6.30 -17.36
C ASP A 208 -20.37 6.72 -16.41
N ILE A 209 -20.37 8.01 -16.05
CA ILE A 209 -21.31 8.56 -15.06
C ILE A 209 -22.80 8.47 -15.51
N TYR A 210 -23.03 8.58 -16.83
CA TYR A 210 -24.35 8.50 -17.44
C TYR A 210 -24.88 7.04 -17.48
N VAL A 211 -24.00 6.10 -17.80
CA VAL A 211 -24.31 4.68 -17.64
C VAL A 211 -24.60 4.36 -16.15
N ALA A 212 -23.74 4.85 -15.25
CA ALA A 212 -23.89 4.55 -13.85
C ALA A 212 -25.24 4.97 -13.27
N PHE A 213 -25.75 6.14 -13.67
CA PHE A 213 -27.06 6.63 -13.18
C PHE A 213 -28.25 6.03 -13.88
N ARG A 214 -28.05 5.60 -15.13
CA ARG A 214 -29.05 4.76 -15.79
C ARG A 214 -29.15 3.37 -15.13
N ALA A 215 -28.02 2.87 -14.61
CA ALA A 215 -28.01 1.61 -13.85
C ALA A 215 -28.76 1.75 -12.49
N VAL A 216 -28.53 2.86 -11.79
CA VAL A 216 -29.30 3.21 -10.58
C VAL A 216 -30.78 3.11 -10.89
N HIS A 217 -31.23 3.82 -11.91
CA HIS A 217 -32.65 3.88 -12.28
C HIS A 217 -33.20 2.52 -12.66
N ASN A 218 -32.45 1.78 -13.47
CA ASN A 218 -32.91 0.44 -13.90
C ASN A 218 -32.95 -0.63 -12.80
N LEU A 219 -32.03 -0.52 -11.84
CA LEU A 219 -32.00 -1.35 -10.63
C LEU A 219 -33.28 -1.18 -9.82
N LEU A 220 -33.71 0.08 -9.66
CA LEU A 220 -35.00 0.42 -9.07
C LEU A 220 -36.15 -0.20 -9.84
N ARG A 221 -36.15 -0.06 -11.16
CA ARG A 221 -37.29 -0.54 -11.97
C ARG A 221 -37.37 -2.08 -11.96
N ALA A 222 -36.21 -2.71 -11.98
CA ALA A 222 -36.10 -4.16 -11.90
C ALA A 222 -36.51 -4.66 -10.50
N HIS A 223 -35.97 -4.03 -9.45
CA HIS A 223 -36.44 -4.36 -8.08
C HIS A 223 -38.00 -4.32 -7.99
N ALA A 224 -38.60 -3.24 -8.48
CA ALA A 224 -40.05 -3.06 -8.39
C ALA A 224 -40.81 -4.07 -9.22
N ARG A 225 -40.32 -4.38 -10.43
CA ARG A 225 -40.97 -5.47 -11.21
C ARG A 225 -40.90 -6.82 -10.48
N ALA A 226 -39.77 -7.11 -9.85
CA ALA A 226 -39.65 -8.35 -9.07
C ALA A 226 -40.63 -8.36 -7.87
N VAL A 227 -40.74 -7.25 -7.13
CA VAL A 227 -41.75 -7.20 -6.07
C VAL A 227 -43.19 -7.50 -6.58
N LYS A 228 -43.54 -6.89 -7.71
CA LYS A 228 -44.84 -7.05 -8.37
C LYS A 228 -45.13 -8.51 -8.74
N VAL A 229 -44.21 -9.17 -9.43
CA VAL A 229 -44.28 -10.62 -9.64
C VAL A 229 -44.38 -11.43 -8.32
N PHE A 230 -43.65 -11.02 -7.28
CA PHE A 230 -43.70 -11.70 -5.97
C PHE A 230 -45.12 -11.76 -5.39
N ARG A 231 -45.82 -10.62 -5.40
CA ARG A 231 -47.22 -10.52 -4.93
C ARG A 231 -48.17 -11.45 -5.67
N GLU A 232 -47.89 -11.72 -6.96
CA GLU A 232 -48.69 -12.62 -7.78
C GLU A 232 -48.32 -14.09 -7.60
N THR A 233 -47.14 -14.38 -7.06
CA THR A 233 -46.63 -15.74 -7.13
CA THR A 233 -46.56 -15.72 -7.14
C THR A 233 -46.43 -16.39 -5.78
N VAL A 234 -45.98 -15.61 -4.79
CA VAL A 234 -45.70 -16.15 -3.46
C VAL A 234 -46.56 -15.37 -2.47
N LYS A 235 -47.84 -15.73 -2.38
CA LYS A 235 -48.80 -14.96 -1.58
C LYS A 235 -48.65 -15.00 -0.04
N ASP A 236 -47.79 -15.88 0.48
CA ASP A 236 -47.47 -15.89 1.92
C ASP A 236 -46.04 -15.56 2.33
N GLY A 237 -45.25 -14.90 1.48
CA GLY A 237 -43.88 -14.53 1.88
C GLY A 237 -43.63 -13.03 2.07
N LYS A 238 -42.37 -12.68 2.38
CA LYS A 238 -41.92 -11.29 2.51
C LYS A 238 -40.71 -10.98 1.64
N ILE A 239 -40.71 -9.78 1.07
CA ILE A 239 -39.65 -9.29 0.16
C ILE A 239 -39.16 -7.89 0.52
N GLY A 240 -37.84 -7.70 0.44
CA GLY A 240 -37.22 -6.40 0.69
C GLY A 240 -36.01 -6.18 -0.21
N ILE A 241 -35.09 -5.37 0.25
CA ILE A 241 -33.96 -4.90 -0.58
C ILE A 241 -32.88 -4.40 0.37
N VAL A 242 -31.63 -4.59 -0.01
CA VAL A 242 -30.47 -4.34 0.87
C VAL A 242 -29.61 -3.18 0.41
N PHE A 243 -29.22 -2.29 1.34
CA PHE A 243 -28.35 -1.15 1.03
C PHE A 243 -27.07 -1.13 1.86
N ASN A 244 -25.96 -0.75 1.20
CA ASN A 244 -24.76 -0.33 1.90
C ASN A 244 -24.97 1.06 2.52
N ASN A 245 -24.38 1.24 3.70
CA ASN A 245 -24.48 2.53 4.40
C ASN A 245 -23.18 2.83 5.12
N GLY A 246 -22.78 4.10 5.05
CA GLY A 246 -21.68 4.61 5.86
C GLY A 246 -22.18 5.61 6.90
N TYR A 247 -21.46 5.74 8.00
CA TYR A 247 -21.78 6.79 8.98
C TYR A 247 -20.86 7.95 8.69
N PHE A 248 -21.38 8.96 8.00
CA PHE A 248 -20.56 10.11 7.67
C PHE A 248 -20.67 11.22 8.72
N GLU A 249 -19.52 11.82 9.04
CA GLU A 249 -19.44 12.97 9.94
C GLU A 249 -18.68 14.08 9.23
N PRO A 250 -19.03 15.36 9.53
CA PRO A 250 -18.41 16.51 8.86
C PRO A 250 -17.05 16.88 9.48
N ALA A 251 -16.12 17.31 8.64
CA ALA A 251 -14.81 17.71 9.11
C ALA A 251 -14.84 19.04 9.87
N SER A 252 -15.45 20.09 9.26
CA SER A 252 -15.56 21.40 9.91
C SER A 252 -16.88 21.58 10.69
N GLU A 253 -17.54 22.73 10.50
CA GLU A 253 -18.81 23.10 11.16
C GLU A 253 -19.53 24.20 10.36
N ARG A 259 -23.26 19.59 5.02
CA ARG A 259 -23.94 19.56 3.73
C ARG A 259 -23.39 18.49 2.80
N ALA A 260 -22.06 18.38 2.79
CA ALA A 260 -21.37 17.36 2.03
C ALA A 260 -21.65 16.04 2.73
N VAL A 261 -21.93 16.11 4.04
CA VAL A 261 -22.41 14.96 4.81
C VAL A 261 -23.86 14.58 4.45
N ARG A 262 -24.71 15.58 4.27
CA ARG A 262 -26.10 15.37 3.85
CA ARG A 262 -26.11 15.36 3.85
C ARG A 262 -26.13 14.69 2.48
N PHE A 263 -25.24 15.14 1.59
CA PHE A 263 -25.10 14.57 0.27
C PHE A 263 -24.67 13.09 0.32
N MET A 264 -23.60 12.80 1.04
CA MET A 264 -23.08 11.45 1.16
C MET A 264 -24.12 10.49 1.72
N HIS A 265 -24.83 10.93 2.74
CA HIS A 265 -25.96 10.15 3.21
C HIS A 265 -26.99 9.90 2.07
N GLN A 266 -27.39 10.95 1.37
CA GLN A 266 -28.48 10.81 0.38
C GLN A 266 -28.08 9.99 -0.84
N PHE A 267 -26.77 9.98 -1.10
CA PHE A 267 -26.19 9.36 -2.28
C PHE A 267 -25.63 7.97 -2.01
N ASN A 268 -24.78 7.83 -0.99
CA ASN A 268 -24.16 6.54 -0.61
CA ASN A 268 -24.18 6.52 -0.64
C ASN A 268 -25.07 5.67 0.25
N ASN A 269 -26.01 6.29 0.98
CA ASN A 269 -26.86 5.51 1.87
C ASN A 269 -28.24 5.20 1.28
N TYR A 270 -29.07 4.45 2.01
CA TYR A 270 -30.41 4.04 1.59
C TYR A 270 -31.35 5.11 0.94
N PRO A 271 -31.20 6.45 1.25
CA PRO A 271 -32.10 7.42 0.57
C PRO A 271 -32.10 7.40 -0.95
N LEU A 272 -30.95 7.12 -1.57
CA LEU A 272 -30.89 7.04 -3.03
C LEU A 272 -31.98 6.18 -3.61
N PHE A 273 -32.29 5.08 -2.93
CA PHE A 273 -33.31 4.13 -3.38
C PHE A 273 -34.62 4.25 -2.62
N LEU A 274 -34.57 4.59 -1.34
CA LEU A 274 -35.77 4.61 -0.49
C LEU A 274 -36.63 5.85 -0.70
N ASN A 275 -35.98 6.96 -1.07
CA ASN A 275 -36.75 8.13 -1.46
C ASN A 275 -37.64 7.85 -2.68
N PRO A 276 -37.08 7.25 -3.77
CA PRO A 276 -37.99 6.76 -4.82
C PRO A 276 -39.07 5.78 -4.33
N ILE A 277 -38.68 4.79 -3.55
CA ILE A 277 -39.59 3.73 -3.13
C ILE A 277 -40.74 4.29 -2.30
N TYR A 278 -40.41 5.21 -1.39
CA TYR A 278 -41.37 5.71 -0.43
C TYR A 278 -41.96 7.06 -0.83
N ARG A 279 -41.16 7.93 -1.45
CA ARG A 279 -41.61 9.30 -1.77
C ARG A 279 -41.77 9.59 -3.26
N GLY A 280 -41.32 8.67 -4.12
CA GLY A 280 -41.57 8.79 -5.54
C GLY A 280 -40.64 9.72 -6.29
N ASP A 281 -39.48 10.04 -5.73
CA ASP A 281 -38.44 10.77 -6.47
C ASP A 281 -37.09 10.51 -5.80
N TYR A 282 -36.00 10.88 -6.46
CA TYR A 282 -34.64 10.81 -5.89
C TYR A 282 -34.45 11.87 -4.79
N PRO A 283 -33.53 11.62 -3.83
CA PRO A 283 -33.27 12.69 -2.86
C PRO A 283 -32.71 14.00 -3.50
N GLU A 284 -33.03 15.13 -2.85
CA GLU A 284 -32.73 16.49 -3.32
C GLU A 284 -31.30 16.72 -3.76
N LEU A 285 -30.34 16.39 -2.90
CA LEU A 285 -28.93 16.59 -3.23
C LEU A 285 -28.43 15.62 -4.33
N VAL A 286 -29.08 14.45 -4.44
CA VAL A 286 -28.81 13.56 -5.56
C VAL A 286 -29.23 14.22 -6.88
N LEU A 287 -30.42 14.81 -6.91
CA LEU A 287 -30.88 15.52 -8.12
C LEU A 287 -30.00 16.73 -8.50
N GLU A 288 -29.45 17.42 -7.51
CA GLU A 288 -28.53 18.53 -7.76
C GLU A 288 -27.25 18.11 -8.47
N PHE A 289 -26.59 17.12 -7.91
CA PHE A 289 -25.39 16.54 -8.53
C PHE A 289 -25.70 15.88 -9.90
N ALA A 290 -26.79 15.10 -9.97
CA ALA A 290 -26.87 14.09 -11.02
C ALA A 290 -28.06 14.12 -11.98
N ARG A 291 -28.92 15.14 -11.88
CA ARG A 291 -30.10 15.23 -12.74
C ARG A 291 -29.81 15.00 -14.21
N GLU A 292 -28.70 15.55 -14.70
CA GLU A 292 -28.32 15.47 -16.11
CA GLU A 292 -28.32 15.46 -16.11
C GLU A 292 -27.92 14.05 -16.54
N TYR A 293 -27.52 13.22 -15.59
CA TYR A 293 -27.06 11.83 -15.87
C TYR A 293 -28.20 10.85 -15.86
N LEU A 294 -29.34 11.24 -15.27
CA LEU A 294 -30.54 10.37 -15.23
C LEU A 294 -31.31 10.46 -16.52
N PRO A 295 -32.06 9.41 -16.90
CA PRO A 295 -32.82 9.57 -18.14
C PRO A 295 -33.75 10.79 -18.08
N GLU A 296 -34.14 11.32 -19.24
CA GLU A 296 -34.85 12.59 -19.35
C GLU A 296 -36.24 12.54 -18.72
N ASN A 297 -36.94 11.44 -18.95
CA ASN A 297 -38.28 11.25 -18.38
C ASN A 297 -38.32 10.21 -17.23
N TYR A 298 -37.31 10.22 -16.37
CA TYR A 298 -37.17 9.18 -15.36
C TYR A 298 -38.38 9.15 -14.41
N LYS A 299 -38.99 10.31 -14.17
CA LYS A 299 -40.19 10.43 -13.31
C LYS A 299 -41.38 9.62 -13.81
N ASP A 300 -41.41 9.33 -15.11
CA ASP A 300 -42.41 8.37 -15.64
C ASP A 300 -42.42 7.00 -14.96
N ASP A 301 -41.27 6.58 -14.42
CA ASP A 301 -41.17 5.25 -13.83
C ASP A 301 -41.44 5.27 -12.32
N MET A 302 -41.54 6.46 -11.72
CA MET A 302 -41.58 6.57 -10.26
C MET A 302 -42.81 5.95 -9.60
N SER A 303 -43.95 5.94 -10.29
CA SER A 303 -45.14 5.38 -9.69
C SER A 303 -45.03 3.84 -9.57
N GLU A 304 -44.41 3.21 -10.57
CA GLU A 304 -44.19 1.75 -10.55
C GLU A 304 -43.12 1.39 -9.51
N ILE A 305 -42.15 2.28 -9.37
CA ILE A 305 -41.05 2.11 -8.44
C ILE A 305 -41.50 2.06 -6.98
N GLN A 306 -42.65 2.66 -6.69
CA GLN A 306 -43.19 2.68 -5.33
C GLN A 306 -43.89 1.39 -4.87
N GLU A 307 -43.85 0.34 -5.69
CA GLU A 307 -44.27 -1.00 -5.26
C GLU A 307 -43.91 -1.23 -3.76
N LYS A 308 -44.91 -1.51 -2.92
CA LYS A 308 -44.69 -1.68 -1.48
C LYS A 308 -43.75 -2.86 -1.15
N ILE A 309 -42.81 -2.59 -0.25
CA ILE A 309 -41.86 -3.59 0.22
C ILE A 309 -42.13 -3.92 1.68
N ASP A 310 -41.69 -5.10 2.10
CA ASP A 310 -41.97 -5.62 3.42
C ASP A 310 -40.87 -5.30 4.44
N PHE A 311 -39.62 -5.16 4.00
CA PHE A 311 -38.56 -4.76 4.92
C PHE A 311 -37.40 -4.06 4.20
N VAL A 312 -36.57 -3.39 5.00
CA VAL A 312 -35.36 -2.80 4.52
C VAL A 312 -34.18 -3.51 5.18
N GLY A 313 -33.22 -3.94 4.36
CA GLY A 313 -31.98 -4.53 4.86
C GLY A 313 -30.92 -3.46 4.83
N LEU A 314 -30.23 -3.26 5.94
CA LEU A 314 -29.11 -2.34 5.97
C LEU A 314 -27.84 -3.11 6.24
N ASN A 315 -26.85 -2.91 5.37
CA ASN A 315 -25.48 -3.35 5.64
C ASN A 315 -24.74 -2.19 6.30
N TYR A 316 -23.85 -2.50 7.23
CA TYR A 316 -23.03 -1.45 7.86
C TYR A 316 -21.66 -1.97 8.30
N TYR A 317 -20.62 -1.22 7.96
CA TYR A 317 -19.23 -1.61 8.24
C TYR A 317 -18.41 -0.50 8.87
N SER A 318 -18.62 0.75 8.43
CA SER A 318 -17.61 1.78 8.64
C SER A 318 -18.12 3.22 8.76
N GLY A 319 -17.31 4.07 9.38
CA GLY A 319 -17.57 5.51 9.41
C GLY A 319 -16.58 6.33 8.61
N HIS A 320 -16.99 7.51 8.16
CA HIS A 320 -16.11 8.36 7.38
C HIS A 320 -16.24 9.81 7.79
N LEU A 321 -15.10 10.50 7.85
CA LEU A 321 -15.07 11.92 8.07
C LEU A 321 -15.01 12.56 6.69
N VAL A 322 -15.88 13.54 6.49
CA VAL A 322 -16.13 14.09 5.19
C VAL A 322 -15.96 15.60 5.22
N LYS A 323 -15.36 16.15 4.17
CA LYS A 323 -15.22 17.59 4.00
C LYS A 323 -15.71 17.96 2.60
N PHE A 324 -16.23 19.18 2.43
CA PHE A 324 -16.40 19.75 1.08
C PHE A 324 -15.01 19.95 0.47
N ASP A 325 -14.92 19.84 -0.85
CA ASP A 325 -13.66 19.83 -1.59
C ASP A 325 -13.94 20.06 -3.07
N PRO A 326 -13.55 21.24 -3.62
CA PRO A 326 -13.83 21.66 -5.01
C PRO A 326 -13.24 20.74 -6.08
N ALA A 330 -17.14 14.68 -7.19
CA ALA A 330 -18.46 14.96 -6.60
C ALA A 330 -18.48 16.07 -5.54
N LYS A 331 -17.38 16.82 -5.46
CA LYS A 331 -17.19 17.91 -4.48
C LYS A 331 -17.11 17.43 -3.01
N VAL A 332 -16.68 16.19 -2.83
CA VAL A 332 -16.54 15.60 -1.49
C VAL A 332 -15.24 14.82 -1.42
N SER A 333 -14.55 14.89 -0.29
CA SER A 333 -13.39 14.04 -0.08
C SER A 333 -13.41 13.50 1.34
N PHE A 334 -12.75 12.36 1.56
CA PHE A 334 -12.64 11.77 2.90
C PHE A 334 -11.43 12.31 3.67
N VAL A 335 -11.61 12.55 4.96
CA VAL A 335 -10.50 12.94 5.81
C VAL A 335 -10.19 11.76 6.69
N GLU A 336 -8.94 11.30 6.64
CA GLU A 336 -8.54 10.20 7.49
C GLU A 336 -8.54 10.65 8.94
N ARG A 337 -9.02 9.77 9.82
CA ARG A 337 -9.01 10.01 11.25
C ARG A 337 -8.06 9.00 11.87
N ASP A 338 -7.68 9.20 13.13
CA ASP A 338 -6.89 8.21 13.81
C ASP A 338 -7.75 6.96 13.88
N LEU A 339 -8.34 6.65 15.05
CA LEU A 339 -9.31 5.55 15.14
C LEU A 339 -8.81 4.17 14.70
N PRO A 340 -9.07 3.12 15.50
CA PRO A 340 -8.83 1.78 14.95
C PRO A 340 -9.42 1.57 13.54
N LYS A 341 -8.67 0.91 12.68
CA LYS A 341 -9.12 0.52 11.35
C LYS A 341 -9.08 -0.99 11.23
N THR A 342 -9.81 -1.54 10.28
CA THR A 342 -9.72 -2.98 9.98
C THR A 342 -8.65 -3.18 8.89
N ALA A 343 -8.38 -4.42 8.50
CA ALA A 343 -7.47 -4.70 7.40
C ALA A 343 -7.89 -4.05 6.07
N MET A 344 -9.18 -3.71 5.93
CA MET A 344 -9.66 -2.92 4.78
C MET A 344 -9.22 -1.48 4.89
N GLY A 345 -8.76 -1.09 6.07
CA GLY A 345 -8.46 0.29 6.38
C GLY A 345 -9.72 1.10 6.66
N TRP A 346 -10.79 0.39 7.03
CA TRP A 346 -12.08 1.01 7.37
C TRP A 346 -12.13 1.35 8.85
N GLU A 347 -12.35 2.62 9.16
CA GLU A 347 -12.48 3.07 10.55
C GLU A 347 -13.64 2.36 11.25
N ILE A 348 -13.32 1.78 12.39
CA ILE A 348 -14.30 1.11 13.26
C ILE A 348 -15.09 2.21 13.99
N VAL A 349 -16.39 2.32 13.65
CA VAL A 349 -17.25 3.37 14.26
C VAL A 349 -18.61 2.80 14.69
N PRO A 350 -18.64 2.08 15.82
CA PRO A 350 -19.84 1.30 16.16
C PRO A 350 -21.12 2.12 16.23
N GLU A 351 -21.03 3.38 16.65
CA GLU A 351 -22.20 4.25 16.80
C GLU A 351 -22.94 4.54 15.47
N GLY A 352 -22.24 4.39 14.35
CA GLY A 352 -22.84 4.46 13.03
C GLY A 352 -24.00 3.52 12.77
N ILE A 353 -23.94 2.33 13.35
CA ILE A 353 -24.99 1.35 13.15
C ILE A 353 -26.27 1.70 13.91
N TYR A 354 -26.12 2.31 15.08
CA TYR A 354 -27.26 2.85 15.82
C TYR A 354 -27.79 4.06 15.08
N TRP A 355 -26.90 4.95 14.63
CA TRP A 355 -27.31 6.12 13.88
C TRP A 355 -28.15 5.75 12.66
N ILE A 356 -27.59 4.87 11.80
CA ILE A 356 -28.25 4.46 10.56
C ILE A 356 -29.58 3.75 10.85
N LEU A 357 -29.66 3.00 11.94
CA LEU A 357 -30.93 2.41 12.32
C LEU A 357 -31.97 3.45 12.74
N LYS A 358 -31.56 4.41 13.59
CA LYS A 358 -32.44 5.53 13.99
C LYS A 358 -32.87 6.37 12.79
N LYS A 359 -31.94 6.61 11.87
CA LYS A 359 -32.19 7.52 10.76
CA LYS A 359 -32.19 7.53 10.76
C LYS A 359 -33.15 6.91 9.74
N VAL A 360 -33.10 5.59 9.56
CA VAL A 360 -34.02 4.97 8.62
C VAL A 360 -35.47 4.98 9.14
N LYS A 361 -35.64 4.70 10.44
CA LYS A 361 -36.93 4.83 11.09
C LYS A 361 -37.45 6.26 10.93
N GLU A 362 -36.62 7.21 11.32
CA GLU A 362 -36.98 8.60 11.26
C GLU A 362 -37.34 9.04 9.85
N GLU A 363 -36.57 8.63 8.85
CA GLU A 363 -36.75 9.18 7.49
C GLU A 363 -37.85 8.48 6.70
N TYR A 364 -37.96 7.16 6.82
CA TYR A 364 -38.86 6.38 5.96
C TYR A 364 -39.80 5.46 6.73
N ASN A 365 -39.54 5.32 8.02
CA ASN A 365 -40.30 4.44 8.92
C ASN A 365 -40.64 3.07 8.32
N PRO A 366 -39.64 2.31 7.85
CA PRO A 366 -40.09 1.04 7.25
C PRO A 366 -40.68 0.11 8.31
N PRO A 367 -41.60 -0.77 7.92
CA PRO A 367 -42.26 -1.63 8.91
C PRO A 367 -41.27 -2.59 9.61
N GLU A 368 -40.30 -3.09 8.86
CA GLU A 368 -39.27 -3.98 9.38
C GLU A 368 -37.89 -3.56 8.86
N VAL A 369 -36.88 -3.75 9.69
CA VAL A 369 -35.51 -3.54 9.29
C VAL A 369 -34.71 -4.79 9.70
N TYR A 370 -33.73 -5.15 8.87
CA TYR A 370 -32.69 -6.11 9.23
C TYR A 370 -31.33 -5.50 9.01
N ILE A 371 -30.39 -5.86 9.87
CA ILE A 371 -28.97 -5.66 9.55
C ILE A 371 -28.59 -6.93 8.80
N THR A 372 -28.45 -6.76 7.50
CA THR A 372 -28.24 -7.90 6.60
C THR A 372 -26.75 -8.26 6.44
N GLU A 373 -25.88 -7.35 6.87
CA GLU A 373 -24.44 -7.52 6.90
C GLU A 373 -23.81 -6.55 7.91
N ASN A 374 -22.83 -7.07 8.66
CA ASN A 374 -21.94 -6.32 9.60
C ASN A 374 -20.79 -7.30 9.91
N GLY A 375 -19.56 -6.81 9.81
CA GLY A 375 -18.41 -7.66 10.01
C GLY A 375 -17.15 -6.90 9.76
N ALA A 376 -16.00 -7.58 9.83
CA ALA A 376 -14.70 -6.94 9.72
C ALA A 376 -13.62 -7.89 9.20
N ALA A 377 -12.71 -7.33 8.39
CA ALA A 377 -11.55 -8.05 7.91
C ALA A 377 -10.41 -7.78 8.87
N PHE A 378 -9.75 -8.85 9.31
CA PHE A 378 -8.54 -8.75 10.12
C PHE A 378 -7.59 -9.78 9.60
N ASP A 379 -6.29 -9.52 9.83
CA ASP A 379 -5.26 -10.44 9.36
C ASP A 379 -5.18 -11.63 10.29
N ASP A 380 -6.03 -12.63 9.99
CA ASP A 380 -6.18 -13.83 10.81
C ASP A 380 -5.08 -14.86 10.60
N VAL A 381 -4.57 -15.34 11.73
CA VAL A 381 -3.49 -16.31 11.79
C VAL A 381 -3.96 -17.48 12.64
N VAL A 382 -3.72 -18.70 12.14
CA VAL A 382 -3.95 -19.91 12.91
C VAL A 382 -2.76 -20.10 13.85
N SER A 383 -3.03 -20.00 15.16
CA SER A 383 -2.02 -20.19 16.19
C SER A 383 -1.60 -21.65 16.24
N GLU A 384 -0.50 -21.90 16.97
CA GLU A 384 0.04 -23.25 17.10
C GLU A 384 -0.91 -24.16 17.86
N ASP A 385 -1.79 -23.55 18.66
CA ASP A 385 -2.87 -24.25 19.36
C ASP A 385 -4.06 -24.68 18.47
N GLY A 386 -4.01 -24.29 17.20
CA GLY A 386 -5.01 -24.67 16.19
C GLY A 386 -6.22 -23.77 16.13
N ARG A 387 -6.21 -22.67 16.89
CA ARG A 387 -7.36 -21.77 16.97
C ARG A 387 -7.09 -20.42 16.30
N VAL A 388 -8.14 -19.63 16.08
CA VAL A 388 -7.95 -18.31 15.51
C VAL A 388 -8.40 -17.28 16.53
N HIS A 389 -7.44 -16.65 17.18
CA HIS A 389 -7.72 -15.77 18.32
C HIS A 389 -8.07 -14.33 17.93
N ASP A 390 -9.12 -14.20 17.12
CA ASP A 390 -9.56 -12.90 16.61
C ASP A 390 -10.37 -12.06 17.59
N GLN A 391 -9.71 -11.65 18.66
CA GLN A 391 -10.32 -10.80 19.67
C GLN A 391 -10.74 -9.46 19.06
N ASN A 392 -9.98 -8.99 18.06
CA ASN A 392 -10.37 -7.80 17.32
C ASN A 392 -11.75 -7.92 16.64
N ARG A 393 -12.02 -9.06 16.01
CA ARG A 393 -13.33 -9.28 15.40
C ARG A 393 -14.43 -9.37 16.46
N ILE A 394 -14.12 -10.02 17.59
CA ILE A 394 -15.07 -10.14 18.69
C ILE A 394 -15.41 -8.75 19.23
N ASP A 395 -14.39 -7.91 19.44
CA ASP A 395 -14.58 -6.54 19.94
C ASP A 395 -15.44 -5.74 18.97
N TYR A 396 -15.16 -5.89 17.67
CA TYR A 396 -15.93 -5.28 16.59
C TYR A 396 -17.38 -5.73 16.65
N LEU A 397 -17.61 -7.04 16.65
CA LEU A 397 -18.98 -7.52 16.61
C LEU A 397 -19.77 -7.08 17.83
N LYS A 398 -19.20 -7.31 19.02
CA LYS A 398 -19.82 -6.95 20.29
C LYS A 398 -20.17 -5.47 20.35
N ALA A 399 -19.24 -4.61 19.93
CA ALA A 399 -19.54 -3.19 19.91
C ALA A 399 -20.75 -2.84 19.05
N HIS A 400 -20.89 -3.48 17.89
CA HIS A 400 -21.97 -3.16 16.94
C HIS A 400 -23.30 -3.80 17.35
N ILE A 401 -23.25 -5.01 17.90
CA ILE A 401 -24.45 -5.66 18.46
C ILE A 401 -25.06 -4.84 19.64
N GLY A 402 -24.20 -4.21 20.43
CA GLY A 402 -24.67 -3.34 21.51
C GLY A 402 -25.45 -2.14 21.00
N GLN A 403 -24.95 -1.56 19.90
CA GLN A 403 -25.54 -0.37 19.27
C GLN A 403 -26.85 -0.68 18.56
N ALA A 404 -27.00 -1.90 18.09
CA ALA A 404 -28.22 -2.36 17.45
C ALA A 404 -29.28 -2.62 18.53
N TRP A 405 -28.81 -3.10 19.68
CA TRP A 405 -29.67 -3.33 20.84
C TRP A 405 -30.32 -2.01 21.30
N LYS A 406 -29.50 -0.97 21.36
CA LYS A 406 -29.91 0.37 21.78
C LYS A 406 -31.07 0.91 20.92
N ALA A 407 -30.92 0.77 19.60
CA ALA A 407 -31.94 1.19 18.61
C ALA A 407 -33.23 0.37 18.76
N ILE A 408 -33.11 -0.89 19.14
CA ILE A 408 -34.32 -1.64 19.46
C ILE A 408 -35.01 -1.06 20.70
N GLN A 409 -34.23 -0.67 21.71
CA GLN A 409 -34.81 -0.07 22.92
C GLN A 409 -35.51 1.26 22.57
N GLU A 410 -34.87 2.05 21.71
CA GLU A 410 -35.45 3.29 21.24
C GLU A 410 -36.43 3.12 20.09
N GLY A 411 -36.95 1.92 19.91
CA GLY A 411 -38.11 1.71 19.04
C GLY A 411 -37.91 1.36 17.56
N VAL A 412 -36.66 1.18 17.11
CA VAL A 412 -36.40 0.75 15.74
C VAL A 412 -36.88 -0.71 15.58
N PRO A 413 -37.73 -0.99 14.57
CA PRO A 413 -38.26 -2.34 14.39
C PRO A 413 -37.26 -3.34 13.77
N LEU A 414 -36.10 -3.51 14.40
CA LEU A 414 -35.05 -4.40 13.92
C LEU A 414 -35.39 -5.84 14.25
N LYS A 415 -35.53 -6.68 13.22
CA LYS A 415 -36.03 -8.04 13.41
C LYS A 415 -34.92 -9.09 13.35
N GLY A 416 -33.73 -8.67 12.98
CA GLY A 416 -32.65 -9.60 12.69
C GLY A 416 -31.33 -8.90 12.45
N TYR A 417 -30.26 -9.68 12.64
CA TYR A 417 -28.89 -9.23 12.47
C TYR A 417 -28.05 -10.37 11.85
N PHE A 418 -27.24 -10.03 10.85
CA PHE A 418 -26.49 -11.00 10.02
C PHE A 418 -25.03 -10.65 9.97
N VAL A 419 -24.19 -11.58 10.41
CA VAL A 419 -22.74 -11.37 10.36
C VAL A 419 -22.22 -11.61 8.93
N TRP A 420 -21.46 -10.67 8.41
CA TRP A 420 -20.70 -10.95 7.22
C TRP A 420 -19.30 -11.30 7.68
N SER A 421 -18.83 -12.53 7.51
CA SER A 421 -19.48 -13.59 6.76
C SER A 421 -19.41 -14.88 7.57
N LEU A 422 -20.19 -15.89 7.22
CA LEU A 422 -19.88 -17.22 7.71
C LEU A 422 -18.39 -17.53 7.44
N LEU A 423 -18.00 -17.49 6.16
CA LEU A 423 -16.65 -17.91 5.75
C LEU A 423 -15.76 -16.77 5.25
N ASP A 424 -14.46 -16.97 5.39
CA ASP A 424 -13.49 -16.24 4.61
C ASP A 424 -13.81 -16.62 3.15
N ASN A 425 -13.80 -15.62 2.27
CA ASN A 425 -14.24 -15.86 0.89
C ASN A 425 -13.53 -14.93 -0.09
N PHE A 426 -13.93 -14.97 -1.36
CA PHE A 426 -13.43 -14.03 -2.39
C PHE A 426 -14.00 -12.61 -2.16
N GLU A 427 -13.15 -11.70 -1.76
CA GLU A 427 -13.62 -10.38 -1.40
C GLU A 427 -13.46 -9.46 -2.60
N TRP A 428 -14.12 -9.85 -3.70
CA TRP A 428 -14.22 -9.01 -4.90
C TRP A 428 -12.83 -8.57 -5.40
N ALA A 429 -12.61 -7.28 -5.59
CA ALA A 429 -11.34 -6.81 -6.19
C ALA A 429 -10.13 -6.98 -5.24
N GLU A 430 -10.38 -7.37 -3.99
CA GLU A 430 -9.34 -7.66 -3.02
C GLU A 430 -8.92 -9.12 -3.11
N GLY A 431 -9.70 -9.95 -3.80
CA GLY A 431 -9.40 -11.38 -3.89
C GLY A 431 -9.49 -12.03 -2.52
N TYR A 432 -8.70 -13.09 -2.31
CA TYR A 432 -8.72 -13.86 -1.05
C TYR A 432 -7.96 -13.21 0.09
N SER A 433 -7.40 -12.04 -0.17
CA SER A 433 -6.53 -11.37 0.79
C SER A 433 -7.26 -10.70 1.94
N LYS A 434 -8.59 -10.57 1.85
CA LYS A 434 -9.36 -10.03 2.99
C LYS A 434 -10.25 -11.09 3.57
N ARG A 435 -10.05 -11.34 4.85
CA ARG A 435 -10.77 -12.40 5.56
C ARG A 435 -11.83 -11.81 6.50
N PHE A 436 -13.09 -12.05 6.13
CA PHE A 436 -14.27 -11.59 6.89
C PHE A 436 -14.98 -12.69 7.67
N GLY A 437 -14.59 -13.94 7.52
CA GLY A 437 -15.33 -15.02 8.14
C GLY A 437 -15.23 -15.08 9.65
N ILE A 438 -16.23 -15.71 10.27
CA ILE A 438 -16.14 -16.13 11.67
C ILE A 438 -15.70 -17.60 11.66
N VAL A 439 -15.55 -18.13 10.46
CA VAL A 439 -14.92 -19.41 10.22
C VAL A 439 -13.77 -19.17 9.22
N TYR A 440 -12.56 -19.51 9.66
CA TYR A 440 -11.36 -19.47 8.84
C TYR A 440 -11.37 -20.56 7.78
N VAL A 441 -10.98 -20.21 6.55
CA VAL A 441 -10.84 -21.16 5.47
C VAL A 441 -9.37 -21.22 5.02
N ASP A 442 -8.80 -22.43 5.15
CA ASP A 442 -7.47 -22.70 4.67
C ASP A 442 -7.61 -23.09 3.21
N TYR A 443 -7.18 -22.19 2.33
CA TYR A 443 -7.44 -22.35 0.89
C TYR A 443 -6.73 -23.52 0.22
N SER A 444 -5.54 -23.86 0.69
CA SER A 444 -4.78 -25.02 0.16
C SER A 444 -5.38 -26.40 0.47
N THR A 445 -6.23 -26.49 1.48
CA THR A 445 -6.88 -27.76 1.84
C THR A 445 -8.41 -27.68 1.88
N GLN A 446 -8.94 -26.46 1.93
CA GLN A 446 -10.37 -26.18 2.10
C GLN A 446 -10.90 -26.48 3.51
N LYS A 447 -9.98 -26.73 4.44
CA LYS A 447 -10.33 -26.94 5.85
C LYS A 447 -10.93 -25.67 6.44
N ARG A 448 -12.04 -25.83 7.16
CA ARG A 448 -12.72 -24.76 7.89
C ARG A 448 -12.31 -24.81 9.37
N ILE A 449 -11.92 -23.69 9.94
CA ILE A 449 -11.57 -23.62 11.34
C ILE A 449 -12.42 -22.52 11.97
N VAL A 450 -13.37 -22.91 12.82
CA VAL A 450 -14.21 -21.93 13.55
C VAL A 450 -13.29 -21.00 14.35
N LYS A 451 -13.47 -19.71 14.17
CA LYS A 451 -12.65 -18.72 14.87
C LYS A 451 -13.29 -18.38 16.21
N ASP A 452 -12.49 -17.81 17.10
CA ASP A 452 -12.99 -17.39 18.42
C ASP A 452 -14.26 -16.55 18.28
N SER A 453 -14.33 -15.78 17.18
CA SER A 453 -15.51 -14.98 16.78
CA SER A 453 -15.51 -14.97 16.84
C SER A 453 -16.76 -15.82 16.61
N GLY A 454 -16.61 -16.93 15.91
CA GLY A 454 -17.71 -17.85 15.66
C GLY A 454 -18.26 -18.47 16.95
N TYR A 455 -17.36 -18.92 17.81
CA TYR A 455 -17.75 -19.50 19.10
C TYR A 455 -18.45 -18.46 19.96
N TRP A 456 -17.84 -17.27 20.02
CA TRP A 456 -18.37 -16.14 20.75
C TRP A 456 -19.76 -15.76 20.26
N TYR A 457 -19.94 -15.77 18.93
CA TYR A 457 -21.21 -15.43 18.30
C TYR A 457 -22.26 -16.48 18.56
N SER A 458 -21.84 -17.73 18.52
CA SER A 458 -22.70 -18.87 18.85
C SER A 458 -23.36 -18.71 20.21
N ASN A 459 -22.60 -18.16 21.17
CA ASN A 459 -23.02 -17.92 22.55
C ASN A 459 -24.01 -16.75 22.66
N VAL A 460 -23.71 -15.66 21.96
CA VAL A 460 -24.68 -14.61 21.74
C VAL A 460 -26.02 -15.17 21.22
N VAL A 461 -25.97 -16.04 20.22
CA VAL A 461 -27.21 -16.52 19.62
C VAL A 461 -27.98 -17.34 20.65
N LYS A 462 -27.34 -18.37 21.21
CA LYS A 462 -27.87 -19.18 22.33
C LYS A 462 -28.55 -18.31 23.43
N ASN A 463 -27.85 -17.31 23.92
CA ASN A 463 -28.38 -16.41 24.97
C ASN A 463 -29.36 -15.36 24.47
N ASN A 464 -29.50 -15.25 23.14
CA ASN A 464 -30.30 -14.20 22.50
C ASN A 464 -29.87 -12.81 22.91
N GLY A 465 -28.56 -12.60 23.05
CA GLY A 465 -27.99 -11.30 23.38
C GLY A 465 -26.63 -11.33 24.09
N LEU A 466 -26.23 -10.18 24.61
CA LEU A 466 -24.93 -10.02 25.27
C LEU A 466 -25.04 -10.21 26.80
N GLU A 467 -24.02 -10.78 27.41
CA GLU A 467 -24.01 -11.11 28.87
C GLU A 467 -22.96 -10.28 29.61
N VAL B 25 -4.35 0.78 0.45
CA VAL B 25 -3.52 0.70 -0.80
C VAL B 25 -2.88 2.05 -1.13
N LYS B 26 -1.56 2.05 -1.21
CA LYS B 26 -0.81 3.25 -1.53
C LYS B 26 -0.06 3.04 -2.85
N LYS B 27 -0.71 3.42 -3.95
CA LYS B 27 -0.08 3.29 -5.25
C LYS B 27 0.76 4.51 -5.49
N PHE B 28 1.89 4.33 -6.15
CA PHE B 28 2.80 5.43 -6.45
C PHE B 28 2.51 5.94 -7.86
N PRO B 29 3.02 7.14 -8.21
CA PRO B 29 2.84 7.68 -9.56
C PRO B 29 3.27 6.76 -10.68
N GLU B 30 2.81 7.05 -11.89
CA GLU B 30 3.24 6.25 -13.03
C GLU B 30 4.69 6.57 -13.33
N GLY B 31 5.49 5.53 -13.54
CA GLY B 31 6.89 5.69 -13.86
C GLY B 31 7.81 5.77 -12.65
N PHE B 32 7.25 5.72 -11.44
CA PHE B 32 8.04 5.71 -10.20
C PHE B 32 9.08 4.63 -10.24
N LEU B 33 10.28 4.92 -9.72
CA LEU B 33 11.44 4.02 -9.87
C LEU B 33 11.77 3.28 -8.58
N TRP B 34 11.71 1.95 -8.65
CA TRP B 34 11.99 1.13 -7.49
C TRP B 34 13.35 0.53 -7.66
N GLY B 35 14.21 0.77 -6.68
CA GLY B 35 15.61 0.41 -6.82
C GLY B 35 16.15 -0.35 -5.64
N VAL B 36 17.31 -0.97 -5.86
CA VAL B 36 18.19 -1.35 -4.74
C VAL B 36 19.58 -0.66 -4.87
N ALA B 37 20.29 -0.49 -3.76
CA ALA B 37 21.60 0.23 -3.77
C ALA B 37 22.74 -0.57 -3.15
N THR B 38 23.94 -0.39 -3.71
CA THR B 38 25.20 -0.91 -3.10
C THR B 38 26.34 0.10 -3.28
N ALA B 39 27.51 -0.25 -2.73
CA ALA B 39 28.75 0.54 -2.94
C ALA B 39 29.92 -0.41 -3.29
N SER B 40 30.83 0.06 -4.13
CA SER B 40 31.91 -0.77 -4.64
C SER B 40 32.71 -1.45 -3.54
N TYR B 41 33.32 -0.68 -2.63
CA TYR B 41 34.11 -1.29 -1.55
C TYR B 41 33.28 -2.18 -0.61
N GLN B 42 32.00 -1.87 -0.45
CA GLN B 42 31.17 -2.69 0.43
C GLN B 42 30.89 -4.12 -0.03
N ILE B 43 30.92 -4.35 -1.35
CA ILE B 43 30.46 -5.61 -1.90
C ILE B 43 31.50 -6.35 -2.76
N GLU B 44 32.40 -5.60 -3.39
CA GLU B 44 33.17 -6.12 -4.53
C GLU B 44 34.30 -7.07 -4.16
N GLY B 45 35.04 -6.74 -3.10
CA GLY B 45 36.26 -7.50 -2.78
C GLY B 45 37.23 -7.43 -3.93
N SER B 46 38.31 -8.21 -3.84
CA SER B 46 39.38 -8.11 -4.84
C SER B 46 39.78 -6.65 -5.14
N PRO B 47 40.15 -5.89 -4.09
CA PRO B 47 40.38 -4.44 -4.29
C PRO B 47 41.60 -4.13 -5.17
N LEU B 48 42.59 -5.03 -5.17
CA LEU B 48 43.83 -4.86 -5.90
C LEU B 48 43.94 -5.68 -7.20
N ALA B 49 42.91 -6.45 -7.54
CA ALA B 49 42.90 -7.22 -8.78
C ALA B 49 42.94 -6.34 -10.02
N ASP B 50 43.65 -6.80 -11.05
CA ASP B 50 43.54 -6.24 -12.42
C ASP B 50 44.07 -4.82 -12.58
N GLY B 51 45.13 -4.53 -11.81
CA GLY B 51 45.87 -3.28 -11.88
C GLY B 51 45.28 -2.13 -11.08
N ALA B 52 44.24 -2.41 -10.31
CA ALA B 52 43.57 -1.41 -9.48
C ALA B 52 44.52 -0.84 -8.40
N GLY B 53 44.47 0.49 -8.20
CA GLY B 53 45.28 1.14 -7.19
C GLY B 53 44.65 0.84 -5.87
N MET B 54 45.42 0.94 -4.78
CA MET B 54 44.85 0.85 -3.43
C MET B 54 43.90 2.02 -3.21
N SER B 55 42.86 1.80 -2.39
CA SER B 55 41.99 2.90 -1.94
C SER B 55 42.24 3.23 -0.45
N ILE B 56 41.70 4.35 0.02
CA ILE B 56 41.79 4.73 1.46
C ILE B 56 41.07 3.79 2.42
N TRP B 57 40.12 3.01 1.90
CA TRP B 57 39.45 2.04 2.74
C TRP B 57 40.24 0.73 2.92
N HIS B 58 40.96 0.34 1.87
CA HIS B 58 41.96 -0.72 1.95
C HIS B 58 42.97 -0.43 3.06
N THR B 59 43.63 0.73 2.99
CA THR B 59 44.68 1.08 3.93
C THR B 59 44.10 1.35 5.33
N PHE B 60 42.92 1.94 5.37
CA PHE B 60 42.28 2.25 6.65
C PHE B 60 41.84 0.98 7.38
N SER B 61 41.22 0.04 6.67
CA SER B 61 40.74 -1.18 7.32
C SER B 61 41.87 -2.20 7.60
N HIS B 62 42.98 -2.08 6.85
CA HIS B 62 44.17 -2.88 7.10
C HIS B 62 45.05 -2.26 8.14
N THR B 63 44.54 -1.20 8.76
CA THR B 63 45.19 -0.58 9.90
C THR B 63 44.48 -1.10 11.15
N PRO B 64 45.22 -1.77 12.06
CA PRO B 64 44.55 -2.36 13.23
C PRO B 64 43.92 -1.32 14.16
N GLY B 65 42.77 -1.64 14.74
CA GLY B 65 42.04 -0.71 15.60
C GLY B 65 40.95 0.07 14.90
N ASN B 66 40.97 0.09 13.58
CA ASN B 66 40.02 0.88 12.84
C ASN B 66 38.64 0.24 12.60
N VAL B 67 38.64 -1.03 12.20
CA VAL B 67 37.39 -1.72 11.85
C VAL B 67 37.13 -2.86 12.84
N LYS B 68 35.86 -3.09 13.16
CA LYS B 68 35.45 -4.13 14.08
C LYS B 68 36.00 -5.49 13.65
N ASN B 69 36.45 -6.28 14.62
CA ASN B 69 36.96 -7.63 14.34
C ASN B 69 38.12 -7.66 13.33
N GLY B 70 38.73 -6.51 13.05
CA GLY B 70 39.74 -6.47 11.96
C GLY B 70 39.22 -6.79 10.55
N ASP B 71 37.94 -6.57 10.28
CA ASP B 71 37.41 -6.88 8.93
C ASP B 71 37.92 -5.90 7.89
N THR B 72 37.91 -6.34 6.63
CA THR B 72 38.36 -5.53 5.51
C THR B 72 37.44 -5.87 4.35
N GLY B 73 37.51 -5.09 3.28
CA GLY B 73 36.81 -5.45 2.05
C GLY B 73 37.63 -6.22 1.05
N ASP B 74 38.61 -6.99 1.53
CA ASP B 74 39.45 -7.83 0.65
C ASP B 74 38.61 -8.82 -0.12
N VAL B 75 37.64 -9.40 0.60
CA VAL B 75 36.70 -10.38 0.04
C VAL B 75 35.30 -9.81 -0.11
N ALA B 76 34.73 -9.30 0.99
CA ALA B 76 33.35 -8.77 1.02
C ALA B 76 32.35 -9.80 0.47
N CYS B 77 31.52 -9.42 -0.50
CA CYS B 77 30.58 -10.36 -1.13
C CYS B 77 31.16 -10.94 -2.42
N ASP B 78 32.46 -10.72 -2.64
CA ASP B 78 33.12 -11.25 -3.83
C ASP B 78 32.28 -10.92 -5.07
N HIS B 79 31.52 -9.83 -4.99
CA HIS B 79 30.78 -9.29 -6.14
C HIS B 79 31.69 -9.03 -7.33
N TYR B 80 32.99 -8.90 -7.09
CA TYR B 80 33.91 -8.73 -8.21
C TYR B 80 33.86 -9.96 -9.13
N ASN B 81 33.63 -11.13 -8.52
CA ASN B 81 33.51 -12.38 -9.31
C ASN B 81 32.07 -12.84 -9.55
N ARG B 82 31.16 -12.50 -8.64
CA ARG B 82 29.78 -13.00 -8.69
C ARG B 82 28.72 -11.96 -9.06
N TRP B 83 29.14 -10.99 -9.86
CA TRP B 83 28.25 -9.87 -10.27
C TRP B 83 27.03 -10.30 -11.08
N LYS B 84 27.23 -11.26 -11.99
CA LYS B 84 26.14 -11.77 -12.87
C LYS B 84 25.01 -12.34 -12.01
N GLU B 85 25.36 -13.26 -11.11
CA GLU B 85 24.40 -13.82 -10.18
C GLU B 85 23.65 -12.73 -9.46
N ASP B 86 24.37 -11.79 -8.85
CA ASP B 86 23.76 -10.67 -8.11
C ASP B 86 22.77 -9.85 -8.93
N ILE B 87 23.11 -9.56 -10.17
CA ILE B 87 22.21 -8.86 -11.09
C ILE B 87 20.94 -9.70 -11.37
N GLU B 88 21.12 -11.00 -11.59
CA GLU B 88 20.02 -11.96 -11.78
C GLU B 88 19.14 -12.06 -10.55
N ILE B 89 19.65 -11.68 -9.38
CA ILE B 89 18.80 -11.62 -8.21
C ILE B 89 17.91 -10.38 -8.23
N ILE B 90 18.40 -9.29 -8.84
CA ILE B 90 17.61 -8.05 -8.99
C ILE B 90 16.54 -8.31 -10.07
N GLU B 91 16.92 -9.04 -11.11
CA GLU B 91 15.99 -9.44 -12.17
C GLU B 91 14.85 -10.34 -11.64
N LYS B 92 15.22 -11.43 -10.96
CA LYS B 92 14.26 -12.37 -10.36
C LYS B 92 13.23 -11.65 -9.44
N LEU B 93 13.67 -10.56 -8.81
CA LEU B 93 12.77 -9.78 -7.94
C LEU B 93 12.09 -8.62 -8.68
N GLY B 94 12.44 -8.44 -9.94
CA GLY B 94 11.80 -7.43 -10.80
C GLY B 94 12.14 -5.99 -10.43
N VAL B 95 13.06 -5.78 -9.47
CA VAL B 95 13.46 -4.44 -9.04
C VAL B 95 13.92 -3.71 -10.32
N LYS B 96 13.52 -2.45 -10.47
CA LYS B 96 13.69 -1.80 -11.78
C LYS B 96 14.94 -0.92 -11.92
N ALA B 97 15.50 -0.47 -10.79
CA ALA B 97 16.73 0.36 -10.81
C ALA B 97 17.84 -0.24 -9.94
N TYR B 98 19.08 -0.09 -10.38
CA TYR B 98 20.23 -0.48 -9.57
C TYR B 98 21.19 0.71 -9.31
N ARG B 99 21.31 1.08 -8.04
CA ARG B 99 22.25 2.12 -7.63
C ARG B 99 23.54 1.47 -7.15
N PHE B 100 24.63 1.72 -7.89
CA PHE B 100 25.91 1.13 -7.54
C PHE B 100 26.98 2.18 -7.76
N SER B 101 28.14 1.99 -7.12
CA SER B 101 29.23 2.96 -7.25
C SER B 101 30.45 2.42 -7.97
N ILE B 102 31.19 3.34 -8.58
CA ILE B 102 32.41 2.99 -9.25
C ILE B 102 33.62 3.28 -8.33
N SER B 103 34.57 2.33 -8.33
CA SER B 103 35.76 2.39 -7.52
C SER B 103 36.78 3.21 -8.27
N TRP B 104 36.96 4.45 -7.84
CA TRP B 104 37.86 5.39 -8.51
C TRP B 104 39.22 4.75 -8.87
N PRO B 105 39.91 4.11 -7.90
CA PRO B 105 41.24 3.52 -8.17
C PRO B 105 41.23 2.21 -8.98
N ARG B 106 40.06 1.66 -9.30
CA ARG B 106 39.98 0.61 -10.32
C ARG B 106 40.14 1.25 -11.68
N ILE B 107 39.65 2.48 -11.82
CA ILE B 107 39.67 3.17 -13.10
C ILE B 107 40.99 3.93 -13.32
N LEU B 108 41.47 4.59 -12.25
CA LEU B 108 42.67 5.41 -12.33
C LEU B 108 43.49 5.06 -11.11
N PRO B 109 44.33 4.02 -11.24
CA PRO B 109 45.02 3.43 -10.08
C PRO B 109 45.87 4.45 -9.32
N GLU B 110 46.27 5.55 -10.00
CA GLU B 110 47.09 6.62 -9.40
C GLU B 110 46.27 7.84 -9.06
N GLY B 111 44.95 7.72 -9.20
CA GLY B 111 44.09 8.85 -8.99
C GLY B 111 43.89 9.70 -10.25
N THR B 112 44.98 10.07 -10.91
CA THR B 112 44.87 10.77 -12.19
C THR B 112 45.73 10.06 -13.23
N GLY B 113 45.61 10.46 -14.47
CA GLY B 113 46.51 10.00 -15.52
C GLY B 113 46.03 8.76 -16.25
N ARG B 114 46.77 7.67 -16.05
CA ARG B 114 46.64 6.45 -16.85
C ARG B 114 45.35 5.70 -16.53
N VAL B 115 44.55 5.42 -17.56
CA VAL B 115 43.29 4.70 -17.39
C VAL B 115 43.52 3.19 -17.35
N ASN B 116 42.85 2.50 -16.43
CA ASN B 116 42.99 1.05 -16.33
C ASN B 116 41.83 0.38 -17.08
N GLN B 117 42.16 -0.18 -18.26
CA GLN B 117 41.21 -0.81 -19.16
C GLN B 117 40.41 -1.94 -18.50
N LYS B 118 41.04 -2.80 -17.72
CA LYS B 118 40.32 -3.85 -16.99
C LYS B 118 39.33 -3.26 -15.98
N GLY B 119 39.65 -2.06 -15.50
CA GLY B 119 38.73 -1.32 -14.63
C GLY B 119 37.47 -0.99 -15.39
N LEU B 120 37.65 -0.42 -16.59
CA LEU B 120 36.55 -0.12 -17.51
C LEU B 120 35.76 -1.36 -17.94
N ASP B 121 36.48 -2.44 -18.27
CA ASP B 121 35.86 -3.74 -18.63
C ASP B 121 34.89 -4.20 -17.54
N PHE B 122 35.34 -4.20 -16.29
CA PHE B 122 34.50 -4.70 -15.20
C PHE B 122 33.15 -3.99 -15.14
N TYR B 123 33.16 -2.66 -15.22
CA TYR B 123 31.92 -1.90 -15.08
C TYR B 123 31.01 -1.90 -16.32
N ASN B 124 31.58 -1.79 -17.53
CA ASN B 124 30.80 -2.00 -18.78
C ASN B 124 30.05 -3.35 -18.80
N ARG B 125 30.73 -4.44 -18.44
CA ARG B 125 30.02 -5.71 -18.27
C ARG B 125 28.77 -5.55 -17.39
N ILE B 126 28.92 -4.98 -16.20
CA ILE B 126 27.76 -4.75 -15.32
C ILE B 126 26.71 -3.84 -15.98
N ILE B 127 27.17 -2.78 -16.64
CA ILE B 127 26.28 -1.83 -17.33
C ILE B 127 25.52 -2.53 -18.47
N ASP B 128 26.23 -3.33 -19.26
CA ASP B 128 25.63 -3.98 -20.43
C ASP B 128 24.58 -4.99 -20.01
N THR B 129 24.95 -5.88 -19.09
CA THR B 129 24.02 -6.77 -18.39
C THR B 129 22.79 -6.07 -17.76
N LEU B 130 22.99 -4.98 -17.03
CA LEU B 130 21.85 -4.31 -16.40
C LEU B 130 20.80 -3.92 -17.45
N LEU B 131 21.28 -3.43 -18.60
CA LEU B 131 20.43 -3.01 -19.72
C LEU B 131 19.68 -4.17 -20.44
N GLU B 132 20.43 -5.23 -20.78
CA GLU B 132 19.86 -6.49 -21.27
C GLU B 132 18.63 -6.92 -20.46
N LYS B 133 18.69 -6.71 -19.15
CA LYS B 133 17.61 -7.15 -18.29
C LYS B 133 16.64 -6.03 -17.99
N GLY B 134 16.74 -4.94 -18.76
CA GLY B 134 15.94 -3.74 -18.51
C GLY B 134 16.04 -3.15 -17.09
N ILE B 135 17.23 -3.21 -16.46
CA ILE B 135 17.41 -2.55 -15.15
C ILE B 135 18.20 -1.25 -15.36
N THR B 136 17.58 -0.13 -14.98
CA THR B 136 18.21 1.21 -15.03
C THR B 136 19.35 1.39 -14.00
N PRO B 137 20.58 1.66 -14.48
CA PRO B 137 21.69 1.98 -13.56
C PRO B 137 21.70 3.45 -13.07
N PHE B 138 21.69 3.61 -11.75
CA PHE B 138 22.09 4.87 -11.10
C PHE B 138 23.54 4.72 -10.60
N VAL B 139 24.47 5.41 -11.26
CA VAL B 139 25.89 5.34 -10.91
C VAL B 139 26.33 6.45 -9.96
N THR B 140 26.76 6.04 -8.77
CA THR B 140 27.46 6.92 -7.82
C THR B 140 28.94 7.01 -8.22
N ILE B 141 29.37 8.21 -8.63
CA ILE B 141 30.77 8.42 -9.01
C ILE B 141 31.72 8.16 -7.82
N TYR B 142 31.35 8.68 -6.65
CA TYR B 142 32.20 8.53 -5.45
C TYR B 142 31.42 8.04 -4.24
N HIS B 143 31.72 6.83 -3.81
CA HIS B 143 31.13 6.27 -2.59
C HIS B 143 32.26 5.83 -1.61
N TRP B 144 33.28 6.69 -1.52
CA TRP B 144 34.17 6.81 -0.34
C TRP B 144 35.52 6.13 -0.52
N ASP B 145 35.73 5.51 -1.67
CA ASP B 145 36.98 4.75 -1.87
C ASP B 145 37.97 5.57 -2.68
N LEU B 146 38.46 6.64 -2.07
CA LEU B 146 39.42 7.54 -2.71
C LEU B 146 40.66 6.76 -3.08
N PRO B 147 41.26 7.04 -4.26
CA PRO B 147 42.56 6.39 -4.48
C PRO B 147 43.56 6.86 -3.42
N PHE B 148 44.24 5.89 -2.79
CA PHE B 148 45.29 6.14 -1.81
C PHE B 148 46.32 7.20 -2.29
N ALA B 149 46.69 7.12 -3.56
CA ALA B 149 47.64 8.03 -4.20
C ALA B 149 47.23 9.50 -4.01
N LEU B 150 45.92 9.74 -4.02
CA LEU B 150 45.42 11.09 -3.88
C LEU B 150 45.39 11.53 -2.42
N GLN B 151 45.24 10.58 -1.47
CA GLN B 151 45.36 10.84 -0.04
C GLN B 151 46.77 11.33 0.36
N LEU B 152 47.79 10.79 -0.30
CA LEU B 152 49.16 11.14 -0.06
C LEU B 152 49.37 12.58 -0.50
N LYS B 153 48.47 13.10 -1.32
CA LYS B 153 48.49 14.51 -1.76
C LYS B 153 47.41 15.34 -1.05
N GLY B 154 46.82 14.79 -0.01
CA GLY B 154 45.95 15.57 0.84
C GLY B 154 44.50 15.18 0.68
N GLY B 155 44.18 14.54 -0.44
CA GLY B 155 42.84 14.03 -0.66
C GLY B 155 41.87 15.19 -0.67
N TRP B 156 40.77 15.06 0.09
CA TRP B 156 39.71 16.09 0.10
C TRP B 156 40.12 17.38 0.72
N ALA B 157 41.24 17.38 1.43
CA ALA B 157 41.79 18.60 2.03
C ALA B 157 42.50 19.49 0.99
N ASN B 158 42.85 18.92 -0.17
CA ASN B 158 43.61 19.64 -1.22
C ASN B 158 42.66 20.23 -2.27
N ARG B 159 42.74 21.54 -2.50
CA ARG B 159 41.86 22.24 -3.45
C ARG B 159 41.91 21.55 -4.79
N GLU B 160 43.09 21.01 -5.10
CA GLU B 160 43.33 20.37 -6.39
C GLU B 160 42.41 19.21 -6.68
N ILE B 161 41.89 18.56 -5.65
CA ILE B 161 40.95 17.45 -5.83
C ILE B 161 39.77 17.82 -6.76
N ALA B 162 39.49 19.10 -6.97
CA ALA B 162 38.40 19.49 -7.86
C ALA B 162 38.77 19.19 -9.32
N ASP B 163 40.04 19.39 -9.64
CA ASP B 163 40.65 18.98 -10.90
CA ASP B 163 40.62 18.99 -10.91
C ASP B 163 40.66 17.46 -10.99
N TRP B 164 41.20 16.80 -9.97
CA TRP B 164 41.28 15.34 -9.99
C TRP B 164 39.89 14.72 -10.14
N PHE B 165 38.88 15.30 -9.49
CA PHE B 165 37.52 14.74 -9.54
C PHE B 165 36.91 14.94 -10.93
N ALA B 166 37.16 16.11 -11.53
CA ALA B 166 36.76 16.47 -12.92
C ALA B 166 37.33 15.51 -13.95
N GLU B 167 38.63 15.24 -13.88
CA GLU B 167 39.29 14.29 -14.79
CA GLU B 167 39.20 14.32 -14.84
C GLU B 167 38.69 12.88 -14.67
N TYR B 168 38.53 12.44 -13.42
CA TYR B 168 37.91 11.16 -13.13
C TYR B 168 36.47 11.08 -13.66
N SER B 169 35.66 12.07 -13.30
CA SER B 169 34.29 12.17 -13.81
C SER B 169 34.21 12.11 -15.33
N ARG B 170 35.06 12.90 -15.99
CA ARG B 170 35.14 12.89 -17.43
C ARG B 170 35.41 11.49 -18.02
N VAL B 171 36.31 10.72 -17.40
CA VAL B 171 36.57 9.36 -17.89
C VAL B 171 35.33 8.46 -17.82
N LEU B 172 34.57 8.58 -16.73
CA LEU B 172 33.34 7.79 -16.56
C LEU B 172 32.26 8.22 -17.56
N PHE B 173 32.15 9.53 -17.78
CA PHE B 173 31.16 10.04 -18.72
C PHE B 173 31.45 9.60 -20.16
N GLU B 174 32.71 9.73 -20.59
CA GLU B 174 33.12 9.42 -21.96
C GLU B 174 33.03 7.92 -22.25
N ASN B 175 33.36 7.10 -21.26
CA ASN B 175 33.32 5.65 -21.42
C ASN B 175 31.97 5.00 -21.15
N PHE B 176 31.20 5.57 -20.21
CA PHE B 176 29.96 4.94 -19.75
C PHE B 176 28.70 5.82 -20.02
N GLY B 177 28.91 7.07 -20.42
CA GLY B 177 27.82 8.04 -20.56
C GLY B 177 26.80 7.76 -21.66
N ASP B 178 27.18 6.88 -22.60
CA ASP B 178 26.32 6.49 -23.71
C ASP B 178 25.18 5.59 -23.25
N ARG B 179 25.43 4.86 -22.17
CA ARG B 179 24.48 3.89 -21.64
C ARG B 179 23.93 4.24 -20.25
N VAL B 180 24.74 4.95 -19.45
CA VAL B 180 24.26 5.41 -18.13
C VAL B 180 23.87 6.89 -18.23
N LYS B 181 22.64 7.20 -17.83
CA LYS B 181 22.05 8.55 -18.00
C LYS B 181 21.57 9.14 -16.68
N ASN B 182 21.74 8.38 -15.59
CA ASN B 182 21.47 8.84 -14.22
C ASN B 182 22.74 8.74 -13.34
N TRP B 183 23.23 9.89 -12.94
CA TRP B 183 24.53 9.98 -12.27
C TRP B 183 24.41 10.71 -10.95
N ILE B 184 25.28 10.31 -10.02
CA ILE B 184 25.38 10.93 -8.72
C ILE B 184 26.85 11.26 -8.52
N THR B 185 27.14 12.51 -8.13
CA THR B 185 28.54 12.91 -7.94
C THR B 185 29.08 12.27 -6.68
N LEU B 186 28.46 12.56 -5.55
CA LEU B 186 29.01 12.19 -4.26
C LEU B 186 27.92 11.55 -3.42
N ASN B 187 28.31 10.51 -2.69
CA ASN B 187 27.50 9.97 -1.61
C ASN B 187 27.87 10.62 -0.29
N GLU B 188 26.93 11.34 0.31
CA GLU B 188 27.07 11.85 1.67
C GLU B 188 28.38 12.62 1.93
N PRO B 189 28.54 13.76 1.25
CA PRO B 189 29.74 14.54 1.55
C PRO B 189 29.90 14.90 3.04
N TRP B 190 28.82 14.93 3.81
CA TRP B 190 28.93 15.27 5.25
C TRP B 190 29.75 14.19 5.99
N VAL B 191 29.43 12.93 5.70
CA VAL B 191 30.12 11.78 6.27
C VAL B 191 31.58 11.83 5.80
N VAL B 192 31.78 11.90 4.48
CA VAL B 192 33.13 11.96 3.93
C VAL B 192 34.04 12.95 4.71
N ALA B 193 33.55 14.18 4.90
CA ALA B 193 34.26 15.26 5.54
C ALA B 193 34.30 15.06 7.05
N ILE B 194 33.13 15.01 7.67
CA ILE B 194 33.07 15.01 9.14
C ILE B 194 33.46 13.68 9.76
N VAL B 195 32.89 12.59 9.28
CA VAL B 195 33.24 11.29 9.85
C VAL B 195 34.64 10.84 9.42
N GLY B 196 35.08 11.19 8.22
CA GLY B 196 36.45 10.84 7.76
C GLY B 196 37.58 11.74 8.29
N HIS B 197 37.29 13.02 8.53
CA HIS B 197 38.32 14.02 8.83
C HIS B 197 38.18 14.78 10.16
N LEU B 198 37.02 14.70 10.80
CA LEU B 198 36.85 15.26 12.15
C LEU B 198 36.76 14.18 13.25
N TYR B 199 35.94 13.15 13.04
CA TYR B 199 35.78 12.11 14.07
C TYR B 199 36.83 11.02 13.97
N GLY B 200 37.43 10.84 12.79
CA GLY B 200 38.43 9.80 12.60
C GLY B 200 37.90 8.35 12.50
N VAL B 201 36.58 8.22 12.34
CA VAL B 201 35.88 6.91 12.32
C VAL B 201 35.91 6.27 10.94
N HIS B 202 35.96 7.09 9.88
CA HIS B 202 36.07 6.58 8.51
C HIS B 202 37.38 7.06 7.89
N ALA B 203 37.84 6.36 6.86
CA ALA B 203 39.03 6.78 6.11
C ALA B 203 38.85 8.23 5.65
N PRO B 204 39.93 9.03 5.66
CA PRO B 204 41.31 8.63 6.05
C PRO B 204 41.67 8.61 7.55
N GLY B 205 40.72 8.80 8.45
CA GLY B 205 40.97 8.52 9.87
C GLY B 205 41.55 9.67 10.68
N MET B 206 41.22 10.89 10.24
CA MET B 206 41.77 12.12 10.77
CA MET B 206 41.77 12.12 10.78
C MET B 206 40.79 12.80 11.75
N ARG B 207 41.32 13.65 12.62
CA ARG B 207 40.51 14.44 13.52
C ARG B 207 41.09 15.82 13.55
N ASP B 208 40.67 16.65 12.60
CA ASP B 208 41.13 18.00 12.53
C ASP B 208 39.99 18.82 11.93
N ILE B 209 39.48 19.80 12.69
CA ILE B 209 38.22 20.42 12.32
C ILE B 209 38.43 21.40 11.17
N TYR B 210 39.65 21.94 11.08
CA TYR B 210 39.97 22.81 9.98
C TYR B 210 40.06 22.00 8.68
N VAL B 211 40.73 20.86 8.73
CA VAL B 211 40.76 19.96 7.59
C VAL B 211 39.36 19.54 7.14
N ALA B 212 38.53 19.14 8.11
CA ALA B 212 37.18 18.65 7.83
C ALA B 212 36.31 19.67 7.07
N PHE B 213 36.38 20.94 7.45
CA PHE B 213 35.60 21.98 6.74
C PHE B 213 36.17 22.38 5.38
N ARG B 214 37.47 22.19 5.22
CA ARG B 214 38.06 22.38 3.93
C ARG B 214 37.63 21.22 3.03
N ALA B 215 37.49 20.00 3.61
CA ALA B 215 36.95 18.84 2.85
C ALA B 215 35.50 19.13 2.40
N VAL B 216 34.68 19.69 3.30
CA VAL B 216 33.29 20.12 3.00
C VAL B 216 33.24 21.02 1.76
N HIS B 217 34.09 22.03 1.77
CA HIS B 217 34.20 23.02 0.71
C HIS B 217 34.73 22.45 -0.59
N ASN B 218 35.82 21.69 -0.54
CA ASN B 218 36.37 21.03 -1.72
C ASN B 218 35.44 19.95 -2.31
N LEU B 219 34.65 19.29 -1.46
CA LEU B 219 33.62 18.34 -1.93
C LEU B 219 32.66 19.06 -2.87
N LEU B 220 32.15 20.19 -2.40
CA LEU B 220 31.24 21.02 -3.18
C LEU B 220 31.87 21.52 -4.47
N ARG B 221 33.11 22.02 -4.40
CA ARG B 221 33.81 22.45 -5.61
C ARG B 221 34.04 21.27 -6.61
N ALA B 222 34.38 20.09 -6.11
CA ALA B 222 34.57 18.90 -6.95
C ALA B 222 33.26 18.49 -7.64
N HIS B 223 32.20 18.33 -6.84
CA HIS B 223 30.86 18.17 -7.35
C HIS B 223 30.52 19.07 -8.53
N ALA B 224 30.65 20.39 -8.31
CA ALA B 224 30.33 21.41 -9.30
C ALA B 224 31.14 21.24 -10.57
N ARG B 225 32.43 20.95 -10.41
CA ARG B 225 33.28 20.73 -11.59
C ARG B 225 32.81 19.50 -12.33
N ALA B 226 32.39 18.46 -11.61
CA ALA B 226 31.87 17.24 -12.24
C ALA B 226 30.59 17.49 -13.03
N VAL B 227 29.67 18.28 -12.48
CA VAL B 227 28.41 18.62 -13.15
C VAL B 227 28.71 19.41 -14.42
N LYS B 228 29.60 20.38 -14.33
CA LYS B 228 30.03 21.19 -15.45
C LYS B 228 30.65 20.33 -16.56
N VAL B 229 31.43 19.32 -16.20
CA VAL B 229 31.97 18.37 -17.19
C VAL B 229 30.84 17.53 -17.76
N PHE B 230 29.86 17.22 -16.93
CA PHE B 230 28.76 16.37 -17.34
C PHE B 230 28.00 17.02 -18.51
N ARG B 231 27.80 18.33 -18.45
CA ARG B 231 27.00 19.01 -19.48
C ARG B 231 27.72 19.03 -20.83
N GLU B 232 29.05 18.93 -20.79
CA GLU B 232 29.91 18.86 -21.97
C GLU B 232 30.01 17.45 -22.60
N THR B 233 29.49 16.42 -21.94
CA THR B 233 29.86 15.04 -22.31
C THR B 233 28.71 14.02 -22.31
N VAL B 234 27.60 14.32 -21.66
CA VAL B 234 26.47 13.38 -21.67
C VAL B 234 25.17 14.10 -22.03
N LYS B 235 24.57 13.65 -23.14
CA LYS B 235 23.34 14.24 -23.65
C LYS B 235 22.20 13.41 -23.08
N ASP B 236 21.05 14.07 -22.87
CA ASP B 236 19.87 13.45 -22.28
CA ASP B 236 19.88 13.39 -22.32
C ASP B 236 20.16 12.64 -20.99
N GLY B 237 21.20 13.06 -20.28
CA GLY B 237 21.52 12.47 -18.98
C GLY B 237 21.04 13.36 -17.85
N LYS B 238 20.93 12.77 -16.65
CA LYS B 238 20.64 13.52 -15.43
C LYS B 238 21.75 13.32 -14.39
N ILE B 239 22.10 14.40 -13.69
CA ILE B 239 23.11 14.37 -12.62
C ILE B 239 22.61 15.04 -11.33
N GLY B 240 22.88 14.36 -10.21
CA GLY B 240 22.52 14.80 -8.87
C GLY B 240 23.63 14.54 -7.88
N ILE B 241 23.27 14.49 -6.60
CA ILE B 241 24.19 14.41 -5.46
C ILE B 241 23.34 13.91 -4.30
N VAL B 242 23.95 13.12 -3.39
CA VAL B 242 23.24 12.43 -2.33
C VAL B 242 23.67 12.87 -0.93
N PHE B 243 22.69 13.09 -0.06
CA PHE B 243 22.94 13.58 1.29
C PHE B 243 22.36 12.66 2.34
N ASN B 244 23.12 12.42 3.40
CA ASN B 244 22.59 11.74 4.58
C ASN B 244 21.66 12.70 5.30
N ASN B 245 20.60 12.19 5.92
CA ASN B 245 19.69 13.04 6.68
C ASN B 245 19.17 12.30 7.89
N GLY B 246 19.04 13.03 9.00
CA GLY B 246 18.37 12.53 10.18
C GLY B 246 17.17 13.42 10.49
N TYR B 247 16.15 12.82 11.10
CA TYR B 247 15.03 13.58 11.62
C TYR B 247 15.32 13.95 13.06
N PHE B 248 15.62 15.22 13.26
CA PHE B 248 15.92 15.75 14.59
C PHE B 248 14.68 16.41 15.21
N GLU B 249 14.46 16.13 16.50
CA GLU B 249 13.34 16.70 17.26
C GLU B 249 13.88 17.24 18.59
N PRO B 250 13.29 18.34 19.12
CA PRO B 250 13.80 18.84 20.38
C PRO B 250 13.35 18.01 21.59
N ALA B 251 14.09 18.11 22.69
CA ALA B 251 13.81 17.34 23.90
C ALA B 251 12.80 18.06 24.80
N SER B 252 12.79 19.39 24.71
CA SER B 252 11.82 20.24 25.39
C SER B 252 11.46 21.36 24.41
N GLU B 253 11.12 22.54 24.93
CA GLU B 253 10.75 23.69 24.10
C GLU B 253 11.35 24.98 24.66
N ILE B 258 15.19 23.74 20.56
CA ILE B 258 14.50 23.92 19.26
C ILE B 258 15.49 24.50 18.27
N ARG B 259 16.25 25.47 18.75
CA ARG B 259 17.37 26.06 18.07
C ARG B 259 18.39 24.94 17.78
N ALA B 260 18.70 24.13 18.79
CA ALA B 260 19.65 23.02 18.63
C ALA B 260 19.28 22.16 17.43
N VAL B 261 17.98 21.88 17.27
CA VAL B 261 17.42 21.15 16.13
C VAL B 261 17.71 21.89 14.82
N ARG B 262 17.42 23.20 14.79
CA ARG B 262 17.71 24.02 13.62
CA ARG B 262 17.73 24.06 13.64
C ARG B 262 19.18 23.82 13.20
N PHE B 263 20.11 23.91 14.17
CA PHE B 263 21.54 23.73 13.90
C PHE B 263 21.84 22.36 13.29
N MET B 264 21.18 21.34 13.82
CA MET B 264 21.49 19.96 13.45
C MET B 264 20.99 19.68 12.06
N HIS B 265 19.81 20.20 11.76
CA HIS B 265 19.30 20.19 10.40
C HIS B 265 20.26 20.92 9.45
N GLN B 266 20.67 22.14 9.80
CA GLN B 266 21.56 22.90 8.92
C GLN B 266 22.94 22.22 8.70
N PHE B 267 23.50 21.59 9.73
CA PHE B 267 24.82 21.01 9.70
C PHE B 267 24.83 19.55 9.21
N ASN B 268 24.01 18.71 9.82
N ASN B 268 24.02 18.70 9.84
CA ASN B 268 24.03 17.28 9.54
CA ASN B 268 24.02 17.25 9.56
C ASN B 268 23.28 16.91 8.27
C ASN B 268 23.27 16.89 8.28
N ASN B 269 22.29 17.72 7.90
CA ASN B 269 21.39 17.38 6.74
C ASN B 269 21.74 18.12 5.42
N TYR B 270 20.92 17.90 4.38
CA TYR B 270 21.14 18.54 3.05
C TYR B 270 21.47 20.05 2.99
N PRO B 271 20.92 20.91 3.89
CA PRO B 271 21.21 22.37 3.76
C PRO B 271 22.66 22.76 3.76
N LEU B 272 23.51 21.98 4.44
CA LEU B 272 24.94 22.28 4.45
C LEU B 272 25.47 22.40 3.01
N PHE B 273 24.93 21.58 2.12
CA PHE B 273 25.39 21.51 0.74
C PHE B 273 24.46 22.21 -0.23
N LEU B 274 23.15 22.20 0.06
CA LEU B 274 22.13 22.82 -0.81
C LEU B 274 21.95 24.33 -0.61
N ASN B 275 22.27 24.82 0.59
CA ASN B 275 22.33 26.28 0.74
C ASN B 275 23.44 26.85 -0.17
N PRO B 276 24.67 26.30 -0.09
CA PRO B 276 25.65 26.68 -1.16
C PRO B 276 25.17 26.52 -2.64
N ILE B 277 24.65 25.35 -3.00
CA ILE B 277 24.28 25.04 -4.37
C ILE B 277 23.12 25.95 -4.87
N TYR B 278 22.06 26.05 -4.07
CA TYR B 278 20.90 26.89 -4.43
C TYR B 278 20.94 28.39 -4.02
N ARG B 279 21.58 28.73 -2.90
CA ARG B 279 21.60 30.11 -2.40
C ARG B 279 22.97 30.81 -2.41
N GLY B 280 24.04 30.05 -2.62
CA GLY B 280 25.36 30.70 -2.78
C GLY B 280 26.10 31.03 -1.49
N ASP B 281 25.69 30.44 -0.36
CA ASP B 281 26.46 30.48 0.88
C ASP B 281 26.08 29.31 1.78
N TYR B 282 26.87 29.05 2.81
CA TYR B 282 26.52 28.09 3.86
C TYR B 282 25.35 28.56 4.73
N PRO B 283 24.61 27.60 5.35
CA PRO B 283 23.53 28.03 6.22
C PRO B 283 24.07 28.86 7.36
N GLU B 284 23.21 29.73 7.88
CA GLU B 284 23.57 30.72 8.85
C GLU B 284 24.17 30.18 10.16
N LEU B 285 23.62 29.08 10.67
CA LEU B 285 24.06 28.57 11.97
C LEU B 285 25.34 27.76 11.80
N VAL B 286 25.53 27.25 10.58
CA VAL B 286 26.79 26.62 10.18
C VAL B 286 27.94 27.63 10.18
N LEU B 287 27.72 28.78 9.55
CA LEU B 287 28.66 29.90 9.61
C LEU B 287 28.96 30.44 11.03
N GLU B 288 27.95 30.52 11.90
CA GLU B 288 28.19 30.97 13.26
CA GLU B 288 28.15 30.94 13.30
C GLU B 288 29.11 29.97 13.98
N PHE B 289 28.91 28.70 13.69
CA PHE B 289 29.72 27.62 14.26
C PHE B 289 31.11 27.50 13.65
N ALA B 290 31.19 27.56 12.33
CA ALA B 290 32.35 27.01 11.63
C ALA B 290 33.08 27.95 10.65
N ARG B 291 32.72 29.23 10.65
CA ARG B 291 33.37 30.20 9.74
CA ARG B 291 33.36 30.23 9.78
C ARG B 291 34.90 30.26 9.94
N GLU B 292 35.35 30.16 11.19
CA GLU B 292 36.75 30.10 11.59
CA GLU B 292 36.80 30.19 11.45
C GLU B 292 37.53 28.97 10.88
N TYR B 293 36.81 27.89 10.58
CA TYR B 293 37.40 26.67 10.06
C TYR B 293 37.36 26.57 8.55
N LEU B 294 36.58 27.43 7.92
CA LEU B 294 36.42 27.40 6.47
C LEU B 294 37.51 28.21 5.81
N PRO B 295 37.85 27.90 4.54
CA PRO B 295 38.91 28.71 3.92
C PRO B 295 38.56 30.20 3.94
N GLU B 296 39.63 30.98 4.09
N GLU B 296 39.54 31.11 4.16
CA GLU B 296 39.71 32.34 3.67
CA GLU B 296 39.22 32.54 4.41
C GLU B 296 39.24 32.44 2.24
C GLU B 296 38.39 33.22 3.31
N ASN B 297 38.27 33.32 2.01
N ASN B 297 38.65 32.85 2.06
CA ASN B 297 37.83 33.56 0.65
CA ASN B 297 37.95 33.44 0.92
C ASN B 297 36.98 32.40 0.11
C ASN B 297 37.10 32.40 0.19
N TYR B 298 36.44 31.54 0.98
CA TYR B 298 35.63 30.41 0.49
C TYR B 298 34.48 30.91 -0.43
N LYS B 299 33.99 32.12 -0.18
CA LYS B 299 32.81 32.58 -0.92
C LYS B 299 33.10 32.91 -2.37
N ASP B 300 34.38 33.07 -2.73
CA ASP B 300 34.77 33.24 -4.12
C ASP B 300 34.38 32.05 -4.95
N ASP B 301 34.35 30.86 -4.33
CA ASP B 301 34.06 29.61 -5.07
C ASP B 301 32.57 29.36 -5.21
N MET B 302 31.77 30.20 -4.57
CA MET B 302 30.33 29.90 -4.45
C MET B 302 29.54 30.03 -5.74
N SER B 303 29.88 30.99 -6.60
CA SER B 303 29.17 31.12 -7.88
C SER B 303 29.40 29.90 -8.78
N GLU B 304 30.58 29.29 -8.65
CA GLU B 304 30.84 28.06 -9.40
C GLU B 304 30.09 26.87 -8.78
N ILE B 305 29.97 26.88 -7.47
CA ILE B 305 29.29 25.80 -6.75
C ILE B 305 27.78 25.71 -7.13
N GLN B 306 27.20 26.81 -7.57
CA GLN B 306 25.80 26.90 -8.01
C GLN B 306 25.47 26.30 -9.37
N GLU B 307 26.47 25.71 -10.02
CA GLU B 307 26.25 24.83 -11.15
C GLU B 307 24.94 24.03 -10.99
N LYS B 308 24.04 24.17 -11.96
CA LYS B 308 22.68 23.59 -11.92
C LYS B 308 22.68 22.06 -11.84
N ILE B 309 21.91 21.52 -10.89
CA ILE B 309 21.76 20.06 -10.75
C ILE B 309 20.36 19.59 -11.19
N ASP B 310 20.18 18.30 -11.44
CA ASP B 310 18.91 17.77 -11.99
C ASP B 310 18.05 17.15 -10.93
N PHE B 311 18.68 16.64 -9.88
CA PHE B 311 17.98 16.05 -8.76
C PHE B 311 18.81 16.07 -7.50
N VAL B 312 18.13 15.78 -6.40
CA VAL B 312 18.69 15.66 -5.06
C VAL B 312 18.35 14.26 -4.58
N GLY B 313 19.36 13.50 -4.19
CA GLY B 313 19.13 12.20 -3.57
C GLY B 313 19.13 12.40 -2.06
N LEU B 314 18.17 11.80 -1.36
CA LEU B 314 18.19 11.82 0.11
C LEU B 314 18.32 10.43 0.67
N ASN B 315 19.28 10.26 1.56
CA ASN B 315 19.37 9.02 2.30
C ASN B 315 18.63 9.25 3.61
N TYR B 316 17.85 8.26 4.04
CA TYR B 316 17.21 8.37 5.34
C TYR B 316 17.12 7.04 6.06
N TYR B 317 17.49 7.07 7.32
CA TYR B 317 17.51 5.90 8.14
C TYR B 317 16.83 6.09 9.46
N SER B 318 17.04 7.23 10.09
CA SER B 318 16.84 7.25 11.52
C SER B 318 16.53 8.63 12.07
N GLY B 319 16.02 8.66 13.31
CA GLY B 319 15.65 9.89 14.02
C GLY B 319 16.36 10.01 15.35
N HIS B 320 16.48 11.24 15.84
CA HIS B 320 17.26 11.57 17.01
C HIS B 320 16.59 12.67 17.76
N LEU B 321 16.70 12.61 19.08
CA LEU B 321 16.15 13.61 19.98
C LEU B 321 17.30 14.44 20.48
N VAL B 322 17.12 15.75 20.53
CA VAL B 322 18.26 16.67 20.65
C VAL B 322 17.98 17.76 21.66
N LYS B 323 19.04 18.23 22.35
CA LYS B 323 18.94 19.31 23.32
C LYS B 323 20.18 20.21 23.24
N PHE B 324 20.03 21.45 23.70
CA PHE B 324 21.15 22.38 23.89
C PHE B 324 21.96 21.98 25.13
N ASP B 325 23.29 22.06 25.01
CA ASP B 325 24.21 21.56 26.04
C ASP B 325 25.57 22.24 25.82
N PRO B 326 25.92 23.21 26.67
CA PRO B 326 27.17 23.98 26.49
C PRO B 326 28.43 23.36 27.12
N ALA B 330 29.60 21.40 19.74
CA ALA B 330 28.71 22.16 18.87
C ALA B 330 27.56 22.76 19.67
N LYS B 331 27.65 22.61 21.00
CA LYS B 331 26.62 23.04 21.96
C LYS B 331 25.29 22.27 21.83
N VAL B 332 25.39 21.04 21.35
CA VAL B 332 24.24 20.18 21.08
C VAL B 332 24.52 18.75 21.57
N SER B 333 23.52 18.14 22.20
CA SER B 333 23.67 16.79 22.72
C SER B 333 22.50 15.92 22.30
N PHE B 334 22.76 14.63 22.09
CA PHE B 334 21.72 13.67 21.77
C PHE B 334 21.11 13.12 23.06
N VAL B 335 19.81 12.87 23.04
CA VAL B 335 19.14 12.26 24.17
C VAL B 335 18.50 10.96 23.71
N GLU B 336 18.88 9.87 24.37
CA GLU B 336 18.32 8.57 24.06
C GLU B 336 16.82 8.54 24.36
N ARG B 337 16.05 7.97 23.44
CA ARG B 337 14.61 7.75 23.58
C ARG B 337 14.39 6.26 23.66
N ASP B 338 13.15 5.82 23.91
CA ASP B 338 12.82 4.39 23.83
C ASP B 338 12.73 3.91 22.38
N LEU B 339 11.55 4.00 21.77
CA LEU B 339 11.40 3.69 20.34
C LEU B 339 12.03 2.32 19.97
N PRO B 340 11.47 1.64 18.95
CA PRO B 340 12.20 0.47 18.41
C PRO B 340 13.58 0.85 17.82
N LYS B 341 14.55 -0.07 17.87
CA LYS B 341 15.91 0.18 17.38
C LYS B 341 16.40 -0.93 16.46
N THR B 342 17.27 -0.59 15.52
CA THR B 342 17.86 -1.61 14.64
C THR B 342 19.06 -2.19 15.37
N ALA B 343 19.75 -3.13 14.70
CA ALA B 343 21.05 -3.65 15.14
C ALA B 343 22.14 -2.58 15.28
N MET B 344 21.97 -1.41 14.65
CA MET B 344 22.88 -0.28 14.84
C MET B 344 22.55 0.50 16.10
N GLY B 345 21.40 0.20 16.69
CA GLY B 345 20.89 1.01 17.79
C GLY B 345 20.25 2.31 17.33
N TRP B 346 19.91 2.39 16.04
CA TRP B 346 19.31 3.60 15.46
C TRP B 346 17.81 3.52 15.59
N GLU B 347 17.22 4.53 16.24
CA GLU B 347 15.77 4.63 16.40
C GLU B 347 15.02 4.67 15.08
N ILE B 348 13.89 3.97 15.03
CA ILE B 348 13.06 3.85 13.85
C ILE B 348 11.94 4.88 13.93
N VAL B 349 12.11 6.00 13.24
CA VAL B 349 11.10 7.05 13.18
C VAL B 349 10.68 7.22 11.72
N PRO B 350 9.75 6.36 11.23
CA PRO B 350 9.36 6.40 9.82
C PRO B 350 8.88 7.77 9.33
N GLU B 351 8.30 8.58 10.22
CA GLU B 351 7.76 9.88 9.82
C GLU B 351 8.87 10.92 9.53
N GLY B 352 10.14 10.54 9.76
CA GLY B 352 11.25 11.42 9.47
C GLY B 352 11.48 11.52 7.97
N ILE B 353 11.11 10.47 7.24
CA ILE B 353 11.29 10.45 5.79
C ILE B 353 10.26 11.32 5.09
N TYR B 354 9.13 11.54 5.76
CA TYR B 354 8.14 12.45 5.26
C TYR B 354 8.61 13.86 5.57
N TRP B 355 9.02 14.07 6.83
CA TRP B 355 9.47 15.36 7.29
C TRP B 355 10.59 15.90 6.37
N ILE B 356 11.55 15.03 6.04
CA ILE B 356 12.74 15.43 5.31
C ILE B 356 12.40 15.72 3.84
N LEU B 357 11.42 14.98 3.33
CA LEU B 357 10.90 15.19 1.99
C LEU B 357 10.12 16.48 1.85
N LYS B 358 9.31 16.80 2.86
CA LYS B 358 8.50 18.02 2.83
C LYS B 358 9.43 19.20 2.95
N LYS B 359 10.29 19.14 3.97
CA LYS B 359 11.25 20.19 4.28
C LYS B 359 12.20 20.54 3.12
N VAL B 360 12.62 19.56 2.32
CA VAL B 360 13.53 19.85 1.20
C VAL B 360 12.84 20.61 0.09
N LYS B 361 11.55 20.29 -0.10
CA LYS B 361 10.77 20.91 -1.16
C LYS B 361 10.47 22.35 -0.78
N GLU B 362 10.13 22.57 0.48
CA GLU B 362 9.85 23.94 0.94
C GLU B 362 11.09 24.85 1.13
N GLU B 363 12.28 24.26 1.34
CA GLU B 363 13.49 25.05 1.57
C GLU B 363 14.22 25.33 0.27
N TYR B 364 14.36 24.30 -0.57
CA TYR B 364 15.12 24.50 -1.78
C TYR B 364 14.33 24.27 -3.06
N ASN B 365 13.20 23.59 -2.91
CA ASN B 365 12.32 23.29 -4.06
C ASN B 365 13.05 22.67 -5.24
N PRO B 366 13.78 21.55 -5.04
CA PRO B 366 14.45 20.92 -6.19
C PRO B 366 13.44 20.33 -7.20
N PRO B 367 13.82 20.22 -8.49
CA PRO B 367 12.84 19.72 -9.45
C PRO B 367 12.50 18.23 -9.27
N GLU B 368 13.50 17.40 -9.02
CA GLU B 368 13.30 15.98 -8.75
C GLU B 368 13.99 15.61 -7.45
N VAL B 369 13.45 14.62 -6.76
CA VAL B 369 14.02 14.10 -5.53
C VAL B 369 13.92 12.58 -5.62
N TYR B 370 14.93 11.88 -5.09
CA TYR B 370 14.94 10.42 -4.94
C TYR B 370 15.29 10.08 -3.50
N ILE B 371 14.73 9.01 -2.95
CA ILE B 371 15.24 8.43 -1.72
C ILE B 371 16.30 7.45 -2.16
N THR B 372 17.57 7.83 -2.00
CA THR B 372 18.66 7.09 -2.64
C THR B 372 19.13 5.90 -1.81
N GLU B 373 18.75 5.92 -0.53
CA GLU B 373 19.01 4.80 0.38
C GLU B 373 18.02 4.85 1.50
N ASN B 374 17.50 3.69 1.88
CA ASN B 374 16.68 3.53 3.10
C ASN B 374 16.67 2.04 3.44
N GLY B 375 16.87 1.71 4.71
CA GLY B 375 17.02 0.31 5.10
C GLY B 375 17.26 0.14 6.58
N ALA B 376 17.38 -1.13 7.00
CA ALA B 376 17.72 -1.42 8.39
C ALA B 376 18.65 -2.62 8.53
N ALA B 377 19.34 -2.64 9.66
CA ALA B 377 20.16 -3.76 10.07
C ALA B 377 19.48 -4.47 11.23
N PHE B 378 19.36 -5.79 11.13
CA PHE B 378 18.89 -6.64 12.22
C PHE B 378 19.73 -7.93 12.24
N ASP B 379 19.64 -8.67 13.33
CA ASP B 379 20.39 -9.93 13.49
C ASP B 379 19.74 -11.09 12.70
N ASP B 380 19.77 -11.00 11.36
CA ASP B 380 19.16 -11.96 10.45
C ASP B 380 19.67 -13.37 10.65
N VAL B 381 18.75 -14.33 10.58
CA VAL B 381 19.04 -15.74 10.85
C VAL B 381 18.49 -16.63 9.75
N VAL B 382 19.31 -17.58 9.31
CA VAL B 382 18.88 -18.64 8.38
C VAL B 382 18.17 -19.72 9.19
N SER B 383 16.94 -20.04 8.81
CA SER B 383 16.19 -21.08 9.49
C SER B 383 16.44 -22.43 8.81
N GLU B 384 15.99 -23.49 9.49
CA GLU B 384 16.05 -24.85 8.97
C GLU B 384 15.39 -24.93 7.60
N ASP B 385 14.33 -24.13 7.39
CA ASP B 385 13.68 -24.03 6.06
C ASP B 385 14.56 -23.40 4.96
N GLY B 386 15.75 -22.92 5.36
CA GLY B 386 16.73 -22.34 4.44
C GLY B 386 16.38 -20.92 4.05
N ARG B 387 15.50 -20.31 4.85
CA ARG B 387 14.94 -18.98 4.61
C ARG B 387 15.29 -18.06 5.77
N VAL B 388 15.16 -16.75 5.52
CA VAL B 388 15.41 -15.74 6.54
C VAL B 388 14.12 -14.94 6.67
N HIS B 389 13.47 -15.06 7.83
CA HIS B 389 12.15 -14.46 8.07
C HIS B 389 12.38 -13.12 8.75
N ASP B 390 12.63 -12.13 7.91
CA ASP B 390 12.96 -10.79 8.40
C ASP B 390 11.74 -9.90 8.36
N GLN B 391 10.75 -10.29 9.18
CA GLN B 391 9.55 -9.49 9.38
C GLN B 391 9.91 -8.07 9.73
N ASN B 392 10.86 -7.93 10.67
CA ASN B 392 11.28 -6.62 11.24
C ASN B 392 11.74 -5.59 10.21
N ARG B 393 12.35 -6.06 9.13
CA ARG B 393 12.83 -5.22 8.03
C ARG B 393 11.71 -4.87 7.08
N ILE B 394 10.82 -5.85 6.84
CA ILE B 394 9.55 -5.60 6.15
C ILE B 394 8.80 -4.51 6.89
N ASP B 395 8.68 -4.65 8.20
CA ASP B 395 7.96 -3.67 9.01
C ASP B 395 8.55 -2.28 8.79
N TYR B 396 9.86 -2.15 9.05
CA TYR B 396 10.64 -0.91 8.87
C TYR B 396 10.41 -0.29 7.48
N LEU B 397 10.72 -1.07 6.44
CA LEU B 397 10.63 -0.58 5.08
C LEU B 397 9.24 -0.09 4.78
N LYS B 398 8.25 -0.95 5.06
CA LYS B 398 6.82 -0.69 4.76
C LYS B 398 6.39 0.67 5.28
N ALA B 399 6.74 0.95 6.53
CA ALA B 399 6.34 2.20 7.15
C ALA B 399 7.07 3.40 6.53
N HIS B 400 8.27 3.17 5.99
CA HIS B 400 9.02 4.27 5.39
C HIS B 400 8.50 4.56 4.00
N ILE B 401 8.28 3.51 3.22
CA ILE B 401 7.70 3.62 1.87
C ILE B 401 6.32 4.29 1.89
N GLY B 402 5.64 4.20 3.04
CA GLY B 402 4.30 4.75 3.21
C GLY B 402 4.29 6.20 3.65
N GLN B 403 5.29 6.60 4.43
CA GLN B 403 5.51 8.00 4.75
C GLN B 403 6.04 8.75 3.54
N ALA B 404 6.69 8.03 2.63
CA ALA B 404 7.17 8.60 1.36
C ALA B 404 6.04 8.80 0.36
N TRP B 405 5.18 7.80 0.21
CA TRP B 405 3.88 7.97 -0.46
C TRP B 405 3.16 9.25 -0.01
N LYS B 406 3.00 9.41 1.30
CA LYS B 406 2.30 10.55 1.87
C LYS B 406 2.93 11.87 1.46
N ALA B 407 4.26 11.88 1.34
CA ALA B 407 4.97 13.07 0.91
C ALA B 407 4.63 13.44 -0.54
N ILE B 408 4.65 12.46 -1.44
CA ILE B 408 4.16 12.67 -2.81
C ILE B 408 2.74 13.29 -2.84
N GLN B 409 1.79 12.69 -2.14
CA GLN B 409 0.41 13.21 -2.06
C GLN B 409 0.37 14.72 -1.79
N GLU B 410 1.37 15.21 -1.07
CA GLU B 410 1.43 16.62 -0.72
C GLU B 410 2.35 17.45 -1.65
N GLY B 411 2.68 16.87 -2.81
CA GLY B 411 3.35 17.62 -3.85
C GLY B 411 4.89 17.54 -3.99
N VAL B 412 5.54 16.75 -3.13
CA VAL B 412 6.98 16.51 -3.25
C VAL B 412 7.25 15.69 -4.50
N PRO B 413 8.09 16.22 -5.42
CA PRO B 413 8.38 15.53 -6.69
C PRO B 413 9.30 14.32 -6.53
N LEU B 414 8.92 13.40 -5.64
CA LEU B 414 9.68 12.19 -5.38
C LEU B 414 9.56 11.13 -6.49
N LYS B 415 10.67 10.88 -7.19
CA LYS B 415 10.70 10.05 -8.42
C LYS B 415 11.22 8.61 -8.25
N GLY B 416 11.68 8.26 -7.07
CA GLY B 416 12.32 6.95 -6.90
C GLY B 416 12.62 6.60 -5.48
N TYR B 417 12.98 5.35 -5.28
CA TYR B 417 13.22 4.81 -3.95
C TYR B 417 14.13 3.60 -4.09
N PHE B 418 15.30 3.65 -3.45
CA PHE B 418 16.30 2.59 -3.51
C PHE B 418 16.50 2.06 -2.11
N VAL B 419 16.31 0.76 -1.94
CA VAL B 419 16.53 0.12 -0.64
C VAL B 419 18.05 -0.03 -0.43
N TRP B 420 18.53 0.26 0.79
CA TRP B 420 19.87 -0.15 1.17
C TRP B 420 19.74 -1.34 2.10
N SER B 421 20.20 -2.51 1.66
CA SER B 421 20.91 -2.72 0.40
C SER B 421 20.41 -4.03 -0.28
N LEU B 422 20.79 -4.23 -1.54
CA LEU B 422 20.64 -5.54 -2.18
C LEU B 422 21.27 -6.67 -1.38
N LEU B 423 22.42 -6.42 -0.74
CA LEU B 423 23.22 -7.50 -0.13
C LEU B 423 23.67 -7.12 1.24
N ASP B 424 23.81 -8.11 2.13
CA ASP B 424 24.64 -7.92 3.35
C ASP B 424 26.07 -7.65 2.85
N ASN B 425 26.74 -6.68 3.49
CA ASN B 425 28.02 -6.24 2.98
C ASN B 425 28.91 -5.70 4.07
N PHE B 426 30.10 -5.25 3.69
CA PHE B 426 31.06 -4.62 4.62
C PHE B 426 30.50 -3.27 5.09
N GLU B 427 30.04 -3.24 6.33
CA GLU B 427 29.41 -2.05 6.83
C GLU B 427 30.44 -1.12 7.47
N TRP B 428 31.45 -0.77 6.67
CA TRP B 428 32.47 0.22 7.05
C TRP B 428 33.14 -0.16 8.39
N ALA B 429 33.16 0.74 9.38
CA ALA B 429 33.83 0.43 10.67
C ALA B 429 33.12 -0.65 11.50
N GLU B 430 31.92 -1.04 11.10
CA GLU B 430 31.21 -2.13 11.79
C GLU B 430 31.64 -3.49 11.23
N GLY B 431 32.27 -3.45 10.07
CA GLY B 431 32.68 -4.66 9.37
C GLY B 431 31.49 -5.45 8.86
N TYR B 432 31.60 -6.77 8.96
CA TYR B 432 30.53 -7.67 8.46
C TYR B 432 29.45 -7.96 9.47
N SER B 433 29.58 -7.36 10.64
CA SER B 433 28.71 -7.62 11.77
C SER B 433 27.30 -7.08 11.65
N LYS B 434 27.02 -6.31 10.60
CA LYS B 434 25.72 -5.63 10.44
C LYS B 434 25.16 -5.88 9.06
N ARG B 435 23.99 -6.51 9.01
CA ARG B 435 23.44 -7.01 7.75
C ARG B 435 22.25 -6.14 7.34
N PHE B 436 22.34 -5.52 6.15
CA PHE B 436 21.43 -4.48 5.69
C PHE B 436 20.67 -4.98 4.48
N GLY B 437 21.05 -6.15 4.01
CA GLY B 437 20.48 -6.70 2.80
C GLY B 437 19.02 -7.12 2.90
N ILE B 438 18.38 -7.15 1.74
CA ILE B 438 17.14 -7.87 1.50
C ILE B 438 17.54 -9.27 0.96
N VAL B 439 18.77 -9.36 0.40
CA VAL B 439 19.44 -10.64 0.15
C VAL B 439 20.52 -10.93 1.22
N TYR B 440 20.41 -12.09 1.91
CA TYR B 440 21.36 -12.55 2.91
C TYR B 440 22.60 -13.18 2.27
N VAL B 441 23.79 -12.89 2.81
CA VAL B 441 25.03 -13.47 2.29
C VAL B 441 25.72 -14.27 3.37
N ASP B 442 25.99 -15.54 3.05
CA ASP B 442 26.78 -16.43 3.89
C ASP B 442 28.25 -16.29 3.46
N TYR B 443 29.06 -15.68 4.32
CA TYR B 443 30.43 -15.32 3.98
C TYR B 443 31.37 -16.50 3.89
N SER B 444 31.05 -17.59 4.60
CA SER B 444 31.86 -18.81 4.49
C SER B 444 31.78 -19.44 3.10
N THR B 445 30.61 -19.38 2.45
CA THR B 445 30.47 -19.97 1.10
C THR B 445 30.15 -19.01 -0.03
N GLN B 446 29.83 -17.76 0.31
CA GLN B 446 29.38 -16.73 -0.65
C GLN B 446 28.02 -17.10 -1.25
N LYS B 447 27.24 -17.77 -0.42
CA LYS B 447 25.91 -18.24 -0.78
C LYS B 447 24.90 -17.15 -0.45
N ARG B 448 24.17 -16.73 -1.50
CA ARG B 448 23.06 -15.78 -1.39
C ARG B 448 21.73 -16.45 -1.02
N ILE B 449 21.14 -16.00 0.09
CA ILE B 449 19.76 -16.39 0.46
C ILE B 449 18.82 -15.18 0.48
N VAL B 450 17.97 -15.08 -0.55
CA VAL B 450 16.91 -14.04 -0.57
C VAL B 450 16.09 -14.09 0.72
N LYS B 451 15.82 -12.93 1.31
CA LYS B 451 15.08 -12.90 2.57
C LYS B 451 13.61 -12.64 2.25
N ASP B 452 12.76 -12.73 3.27
CA ASP B 452 11.34 -12.43 3.10
C ASP B 452 11.13 -11.00 2.62
N SER B 453 11.80 -10.06 3.28
CA SER B 453 11.84 -8.62 2.87
C SER B 453 12.14 -8.46 1.39
N GLY B 454 12.97 -9.34 0.85
CA GLY B 454 13.24 -9.38 -0.58
C GLY B 454 12.06 -9.83 -1.44
N TYR B 455 11.25 -10.76 -0.92
CA TYR B 455 10.02 -11.19 -1.64
C TYR B 455 8.94 -10.14 -1.45
N TRP B 456 8.84 -9.62 -0.23
CA TRP B 456 7.95 -8.52 0.09
C TRP B 456 8.21 -7.28 -0.80
N TYR B 457 9.47 -6.85 -0.88
CA TYR B 457 9.83 -5.70 -1.68
C TYR B 457 9.55 -5.94 -3.16
N SER B 458 9.82 -7.17 -3.59
CA SER B 458 9.55 -7.61 -4.95
C SER B 458 8.06 -7.45 -5.28
N ASN B 459 7.20 -7.71 -4.29
CA ASN B 459 5.76 -7.43 -4.41
C ASN B 459 5.49 -5.97 -4.69
N VAL B 460 5.97 -5.13 -3.76
CA VAL B 460 5.84 -3.67 -3.83
C VAL B 460 6.17 -3.14 -5.24
N VAL B 461 7.24 -3.67 -5.83
CA VAL B 461 7.68 -3.23 -7.16
C VAL B 461 6.63 -3.63 -8.19
N LYS B 462 6.29 -4.93 -8.23
CA LYS B 462 5.23 -5.48 -9.09
C LYS B 462 3.96 -4.64 -9.02
N ASN B 463 3.52 -4.36 -7.78
CA ASN B 463 2.33 -3.57 -7.47
C ASN B 463 2.44 -2.06 -7.70
N ASN B 464 3.65 -1.58 -8.01
CA ASN B 464 3.99 -0.13 -7.94
C ASN B 464 3.47 0.56 -6.67
N GLY B 465 3.49 -0.15 -5.54
CA GLY B 465 3.00 0.42 -4.28
C GLY B 465 2.78 -0.57 -3.15
N LEU B 466 2.12 -0.11 -2.09
CA LEU B 466 1.89 -0.91 -0.89
C LEU B 466 0.44 -1.44 -0.83
N GLU B 467 0.22 -2.46 0.01
CA GLU B 467 -1.12 -2.94 0.39
C GLU B 467 -1.10 -3.79 1.68
C1 GI3 C . -20.31 -5.87 0.83
C2 GI3 C . -20.94 -6.89 -0.06
O2 GI3 C . -22.34 -6.97 0.29
C3 GI3 C . -20.22 -8.23 0.15
C80 GI3 C . -19.03 -4.93 2.33
O3 GI3 C . -20.43 -8.98 -1.04
C4 GI3 C . -18.74 -7.99 0.58
N10 GI3 C . -19.35 -6.09 1.74
O4 GI3 C . -17.81 -9.09 0.52
C5 GI3 C . -18.73 -7.40 1.97
C6 GI3 C . -17.36 -7.22 2.59
O6 GI3 C . -16.58 -6.26 1.85
N1 GI3 C . -20.61 -4.56 0.84
C7 GI3 C . -19.84 -3.96 1.78
C8 GI3 C . -19.88 -2.54 2.13
O8 GI3 C . -18.88 -1.99 2.54
O9 GI3 C . -21.04 -1.91 2.03
C ACT D . -8.47 -20.25 -3.24
O ACT D . -8.50 -19.30 -2.45
OXT ACT D . -7.42 -20.29 -3.90
CH3 ACT D . -9.58 -21.24 -3.32
C1 GI3 E . 25.19 4.97 4.46
C2 GI3 E . 26.15 4.71 3.34
O2 GI3 E . 25.79 5.40 2.12
C3 GI3 E . 26.23 3.20 3.07
C80 GI3 E . 23.78 4.63 6.11
O3 GI3 E . 27.46 2.89 2.39
C4 GI3 E . 26.07 2.38 4.36
N10 GI3 E . 24.52 4.03 5.17
O4 GI3 E . 26.45 1.00 4.21
C5 GI3 E . 24.64 2.57 4.91
C6 GI3 E . 24.36 1.80 6.18
O6 GI3 E . 25.02 2.36 7.33
N1 GI3 E . 24.86 6.18 4.97
C7 GI3 E . 23.98 5.99 5.98
C8 GI3 E . 23.37 7.07 6.79
O8 GI3 E . 23.27 7.04 8.00
O9 GI3 E . 22.87 8.11 6.14
CA CA F . 34.78 32.45 -8.55
#